data_2OKJ
#
_entry.id   2OKJ
#
_cell.length_a   84.048
_cell.length_b   62.739
_cell.length_c   101.346
_cell.angle_alpha   90.000
_cell.angle_beta   106.680
_cell.angle_gamma   90.000
#
_symmetry.space_group_name_H-M   'P 1 21 1'
#
loop_
_entity.id
_entity.type
_entity.pdbx_description
1 polymer 'Glutamate decarboxylase 1'
2 non-polymer 'GAMMA-AMINO-BUTANOIC ACID'
3 non-polymer '4-[({3-HYDROXY-2-METHYL-5-[(PHOSPHONOOXY)METHYL]PYRIDIN-4-YL}METHYL)AMINO]BUTANOIC ACID'
4 water water
#
_entity_poly.entity_id   1
_entity_poly.type   'polypeptide(L)'
_entity_poly.pdbx_seq_one_letter_code
;TDFSNLFARDLLPAKNGEEQTVQFLLEVVDILLNYVRKTFDRSTKVLDFHHPHQLLEGMEGFNLELSDHPESLEQILVDC
RDTLKYGVRTGHPRFFNQLSTGLDIIGLAGEWLTSTANTNMFTYEIAPVFVLMEQITLKKMREIVGWSSKDGDGIFSPGG
AISNMYSIMAARYKYFPEVKTKGMAAVPKLVLFTSEQSHYSIKKAGAALGFGTDNVILIKCNERGKIIPADFEAKILEAK
QKGYVPFYVNATAGTTVYGAFDPIQEIADICEKYNLWLHVDAAWGGGLLMSRKHRHKLNGIERANSVTWNPH(LLP)MMG
VLLQCSAILVKEKGILQGCNQMCAGYLFQPDKQYDVSYDTGDKAIQCGRHVDIFKFWLMWKAKGTVGFENQINKCLELAE
YLYAKIKNREEFEMVFNGEPEHTNVCFWYIPQSLRGVPDSPQRREKLHKVAPKIKALMMESGTTMVGYQPQGDKANFFRM
VISNPAATQSDIDFLIEEIERLGQDLHH
;
_entity_poly.pdbx_strand_id   A,B
#
# COMPACT_ATOMS: atom_id res chain seq x y z
N THR A 1 19.97 -30.26 17.92
CA THR A 1 18.49 -30.12 17.76
C THR A 1 18.07 -28.64 17.74
N ASP A 2 17.70 -28.10 18.91
CA ASP A 2 17.20 -26.73 19.05
C ASP A 2 15.99 -26.43 18.15
N PHE A 3 16.23 -25.86 16.97
CA PHE A 3 15.15 -25.54 16.03
C PHE A 3 15.05 -26.50 14.86
N SER A 4 15.95 -27.47 14.79
CA SER A 4 16.02 -28.45 13.70
C SER A 4 14.78 -29.35 13.59
N ASN A 5 14.10 -29.55 14.71
CA ASN A 5 12.90 -30.38 14.76
C ASN A 5 11.71 -29.67 15.41
N LEU A 6 11.72 -28.34 15.36
CA LEU A 6 10.58 -27.52 15.71
C LEU A 6 9.95 -26.98 14.44
N PHE A 7 8.63 -26.82 14.47
CA PHE A 7 7.86 -26.33 13.32
C PHE A 7 6.95 -25.19 13.73
N ALA A 8 6.48 -24.42 12.74
CA ALA A 8 5.60 -23.28 12.98
C ALA A 8 4.29 -23.68 13.66
N ARG A 9 3.84 -24.90 13.39
CA ARG A 9 2.61 -25.43 14.01
C ARG A 9 2.75 -25.62 15.52
N ASP A 10 3.98 -25.63 16.02
CA ASP A 10 4.27 -25.80 17.44
C ASP A 10 4.33 -24.48 18.22
N LEU A 11 4.37 -23.36 17.47
CA LEU A 11 4.40 -22.02 18.07
C LEU A 11 2.99 -21.51 18.37
N LEU A 12 2.90 -20.41 19.10
CA LEU A 12 1.60 -19.76 19.36
C LEU A 12 0.85 -19.55 18.05
N PRO A 13 -0.48 -19.82 18.02
CA PRO A 13 -1.42 -20.09 19.12
C PRO A 13 -1.44 -21.50 19.71
N ALA A 14 -0.54 -22.40 19.29
CA ALA A 14 -0.47 -23.74 19.89
C ALA A 14 -0.30 -23.64 21.40
N LYS A 15 -1.04 -24.47 22.13
CA LYS A 15 -1.24 -24.36 23.58
C LYS A 15 0.01 -24.08 24.42
N ASN A 16 1.07 -24.85 24.20
CA ASN A 16 2.27 -24.79 25.03
C ASN A 16 3.47 -24.17 24.30
N GLY A 17 3.19 -23.40 23.24
CA GLY A 17 4.24 -22.89 22.37
C GLY A 17 4.79 -21.52 22.71
N GLU A 18 4.45 -21.00 23.89
CA GLU A 18 4.82 -19.63 24.28
C GLU A 18 6.34 -19.43 24.41
N GLU A 19 7.01 -20.37 25.07
CA GLU A 19 8.46 -20.30 25.29
C GLU A 19 9.24 -20.36 23.98
N GLN A 20 8.83 -21.26 23.10
CA GLN A 20 9.46 -21.46 21.81
C GLN A 20 9.19 -20.30 20.83
N THR A 21 8.01 -19.68 20.97
CA THR A 21 7.63 -18.51 20.17
C THR A 21 8.56 -17.33 20.49
N VAL A 22 8.75 -17.06 21.78
CA VAL A 22 9.64 -15.99 22.23
C VAL A 22 11.07 -16.24 21.77
N GLN A 23 11.54 -17.47 21.93
CA GLN A 23 12.90 -17.84 21.53
C GLN A 23 13.11 -17.74 20.02
N PHE A 24 12.14 -18.20 19.25
CA PHE A 24 12.20 -18.09 17.80
C PHE A 24 12.32 -16.62 17.35
N LEU A 25 11.43 -15.78 17.87
CA LEU A 25 11.39 -14.37 17.48
C LEU A 25 12.66 -13.62 17.91
N LEU A 26 13.21 -13.99 19.06
CA LEU A 26 14.50 -13.46 19.50
C LEU A 26 15.67 -13.87 18.60
N GLU A 27 15.57 -15.08 18.03
CA GLU A 27 16.57 -15.54 17.06
C GLU A 27 16.44 -14.79 15.72
N VAL A 28 15.21 -14.45 15.34
CA VAL A 28 14.97 -13.63 14.16
C VAL A 28 15.54 -12.23 14.39
N VAL A 29 15.21 -11.63 15.54
CA VAL A 29 15.68 -10.29 15.89
C VAL A 29 17.21 -10.21 15.86
N ASP A 30 17.86 -11.28 16.36
CA ASP A 30 19.31 -11.38 16.38
C ASP A 30 19.91 -11.28 14.98
N ILE A 31 19.26 -11.94 14.01
CA ILE A 31 19.65 -11.87 12.61
C ILE A 31 19.53 -10.43 12.07
N LEU A 32 18.43 -9.77 12.44
CA LEU A 32 18.12 -8.42 11.98
C LEU A 32 19.05 -7.39 12.60
N LEU A 33 19.38 -7.58 13.88
CA LEU A 33 20.33 -6.72 14.58
C LEU A 33 21.73 -6.77 13.96
N ASN A 34 22.19 -7.98 13.62
CA ASN A 34 23.47 -8.14 12.92
C ASN A 34 23.48 -7.42 11.58
N TYR A 35 22.36 -7.49 10.86
CA TYR A 35 22.19 -6.80 9.59
C TYR A 35 22.21 -5.28 9.77
N VAL A 36 21.55 -4.81 10.83
CA VAL A 36 21.54 -3.38 11.17
C VAL A 36 22.95 -2.88 11.49
N ARG A 37 23.69 -3.63 12.30
CA ARG A 37 25.10 -3.34 12.60
C ARG A 37 25.95 -3.18 11.32
N LYS A 38 25.82 -4.15 10.42
CA LYS A 38 26.62 -4.20 9.20
C LYS A 38 26.23 -3.14 8.15
N THR A 39 24.99 -2.66 8.24
CA THR A 39 24.49 -1.62 7.34
C THR A 39 25.31 -0.34 7.43
N PHE A 40 25.71 0.02 8.64
CA PHE A 40 26.42 1.27 8.89
C PHE A 40 27.94 1.12 8.85
N ASP A 41 28.39 -0.09 8.51
CA ASP A 41 29.82 -0.42 8.39
C ASP A 41 30.22 -0.33 6.92
N ARG A 42 31.19 0.55 6.62
CA ARG A 42 31.61 0.80 5.24
C ARG A 42 32.46 -0.29 4.61
N SER A 43 32.93 -1.24 5.43
CA SER A 43 33.64 -2.41 4.92
C SER A 43 32.69 -3.38 4.22
N THR A 44 31.42 -3.35 4.63
CA THR A 44 30.37 -4.16 4.02
C THR A 44 30.05 -3.66 2.61
N LYS A 45 29.85 -4.59 1.68
CA LYS A 45 29.42 -4.24 0.32
C LYS A 45 27.97 -3.76 0.32
N VAL A 46 27.66 -2.83 -0.59
CA VAL A 46 26.30 -2.35 -0.79
C VAL A 46 25.42 -3.51 -1.29
N LEU A 47 25.97 -4.32 -2.18
CA LEU A 47 25.30 -5.48 -2.71
C LEU A 47 26.29 -6.49 -3.28
N ASP A 48 25.87 -7.75 -3.34
CA ASP A 48 26.60 -8.82 -4.00
C ASP A 48 25.76 -9.18 -5.22
N PHE A 49 26.05 -8.53 -6.35
CA PHE A 49 25.17 -8.61 -7.52
C PHE A 49 25.13 -9.98 -8.17
N HIS A 50 23.91 -10.40 -8.53
CA HIS A 50 23.68 -11.64 -9.27
C HIS A 50 22.57 -11.41 -10.27
N HIS A 51 22.76 -11.94 -11.48
CA HIS A 51 21.71 -11.98 -12.48
C HIS A 51 20.55 -12.82 -11.95
N PRO A 52 19.31 -12.51 -12.38
CA PRO A 52 18.15 -13.27 -11.90
C PRO A 52 18.34 -14.80 -12.01
N HIS A 53 18.87 -15.27 -13.14
CA HIS A 53 19.02 -16.70 -13.38
C HIS A 53 20.04 -17.37 -12.44
N GLN A 54 21.03 -16.59 -12.01
CA GLN A 54 22.05 -17.06 -11.06
C GLN A 54 21.45 -17.41 -9.70
N LEU A 55 20.53 -16.57 -9.23
CA LEU A 55 19.85 -16.80 -7.96
C LEU A 55 18.79 -17.90 -8.07
N LEU A 56 18.04 -17.89 -9.17
CA LEU A 56 17.03 -18.92 -9.45
C LEU A 56 17.63 -20.31 -9.53
N GLU A 57 18.71 -20.44 -10.30
CA GLU A 57 19.37 -21.74 -10.50
C GLU A 57 20.23 -22.12 -9.30
N GLY A 58 19.59 -22.20 -8.14
CA GLY A 58 20.21 -22.70 -6.92
C GLY A 58 21.19 -21.77 -6.23
N MET A 59 20.90 -21.48 -4.97
CA MET A 59 21.90 -20.95 -4.04
C MET A 59 22.00 -21.88 -2.84
N GLU A 60 23.21 -21.97 -2.28
CA GLU A 60 23.53 -22.96 -1.24
C GLU A 60 22.54 -22.97 -0.08
N GLY A 61 21.90 -24.13 0.12
CA GLY A 61 20.94 -24.33 1.20
C GLY A 61 19.72 -23.42 1.17
N PHE A 62 19.44 -22.84 0.00
CA PHE A 62 18.42 -21.81 -0.13
C PHE A 62 17.50 -22.06 -1.33
N ASN A 63 16.35 -22.67 -1.05
CA ASN A 63 15.36 -23.00 -2.07
C ASN A 63 14.19 -22.03 -2.07
N LEU A 64 13.96 -21.37 -3.20
CA LEU A 64 12.85 -20.42 -3.36
C LEU A 64 11.51 -21.13 -3.60
N GLU A 65 11.57 -22.35 -4.11
CA GLU A 65 10.36 -23.10 -4.47
C GLU A 65 9.50 -23.40 -3.25
N LEU A 66 8.20 -23.45 -3.47
CA LEU A 66 7.25 -23.76 -2.40
C LEU A 66 6.80 -25.21 -2.51
N SER A 67 6.38 -25.80 -1.39
CA SER A 67 5.97 -27.21 -1.39
C SER A 67 4.80 -27.49 -0.44
N ASP A 68 4.33 -28.73 -0.47
CA ASP A 68 3.20 -29.19 0.34
C ASP A 68 3.50 -29.19 1.84
N HIS A 69 4.74 -29.50 2.19
CA HIS A 69 5.09 -29.73 3.59
C HIS A 69 6.00 -28.66 4.18
N PRO A 70 5.86 -28.40 5.49
CA PRO A 70 6.62 -27.36 6.18
C PRO A 70 8.12 -27.65 6.30
N GLU A 71 8.91 -26.59 6.27
CA GLU A 71 10.31 -26.66 6.64
C GLU A 71 10.41 -26.46 8.15
N SER A 72 11.51 -26.91 8.74
CA SER A 72 11.79 -26.66 10.15
C SER A 72 12.03 -25.17 10.39
N LEU A 73 11.83 -24.74 11.62
CA LEU A 73 12.09 -23.35 12.02
C LEU A 73 13.56 -22.96 11.85
N GLU A 74 14.45 -23.94 11.96
CA GLU A 74 15.87 -23.73 11.70
C GLU A 74 16.09 -23.34 10.24
N GLN A 75 15.41 -24.05 9.34
CA GLN A 75 15.48 -23.75 7.91
C GLN A 75 14.83 -22.40 7.58
N ILE A 76 13.79 -22.05 8.34
CA ILE A 76 13.14 -20.74 8.25
C ILE A 76 14.10 -19.61 8.64
N LEU A 77 14.83 -19.80 9.74
CA LEU A 77 15.87 -18.86 10.16
C LEU A 77 16.99 -18.74 9.12
N VAL A 78 17.35 -19.86 8.50
CA VAL A 78 18.34 -19.89 7.42
C VAL A 78 17.84 -19.10 6.20
N ASP A 79 16.56 -19.28 5.86
CA ASP A 79 15.93 -18.54 4.77
C ASP A 79 15.93 -17.03 5.00
N CYS A 80 15.76 -16.63 6.27
CA CYS A 80 15.85 -15.23 6.67
C CYS A 80 17.25 -14.67 6.47
N ARG A 81 18.26 -15.43 6.94
CA ARG A 81 19.67 -15.06 6.81
C ARG A 81 20.08 -14.90 5.36
N ASP A 82 19.68 -15.87 4.54
CA ASP A 82 20.02 -15.89 3.12
C ASP A 82 19.34 -14.78 2.35
N THR A 83 18.08 -14.51 2.69
CA THR A 83 17.32 -13.42 2.08
C THR A 83 18.05 -12.09 2.25
N LEU A 84 18.52 -11.82 3.46
CA LEU A 84 19.26 -10.59 3.74
C LEU A 84 20.66 -10.57 3.13
N LYS A 85 21.26 -11.76 2.98
CA LYS A 85 22.60 -11.89 2.41
C LYS A 85 22.65 -11.46 0.95
N TYR A 86 21.58 -11.78 0.21
CA TYR A 86 21.55 -11.56 -1.24
C TYR A 86 20.74 -10.36 -1.67
N GLY A 87 20.31 -9.55 -0.70
CA GLY A 87 19.60 -8.31 -0.99
C GLY A 87 20.51 -7.10 -1.06
N VAL A 88 19.92 -5.94 -1.30
CA VAL A 88 20.67 -4.70 -1.41
C VAL A 88 20.53 -3.92 -0.10
N ARG A 89 21.66 -3.43 0.42
CA ARG A 89 21.65 -2.64 1.64
C ARG A 89 21.31 -1.19 1.35
N THR A 90 20.03 -0.85 1.48
CA THR A 90 19.52 0.47 1.14
C THR A 90 19.82 1.52 2.21
N GLY A 91 20.35 1.05 3.35
CA GLY A 91 20.77 1.94 4.44
C GLY A 91 22.25 2.30 4.41
N HIS A 92 22.99 1.64 3.53
CA HIS A 92 24.43 1.83 3.40
C HIS A 92 24.78 3.28 3.07
N PRO A 93 25.78 3.85 3.77
CA PRO A 93 26.25 5.23 3.54
C PRO A 93 26.57 5.53 2.08
N ARG A 94 26.98 4.49 1.34
CA ARG A 94 27.34 4.64 -0.07
C ARG A 94 26.28 4.12 -1.06
N PHE A 95 25.05 3.97 -0.58
CA PHE A 95 23.91 3.70 -1.43
C PHE A 95 23.26 5.03 -1.85
N PHE A 96 23.44 5.39 -3.12
CA PHE A 96 22.88 6.62 -3.68
C PHE A 96 21.97 6.36 -4.88
N ASN A 97 21.47 5.12 -4.98
CA ASN A 97 20.73 4.67 -6.17
C ASN A 97 19.33 5.25 -6.32
N GLN A 98 18.67 5.55 -5.20
CA GLN A 98 17.27 6.00 -5.20
C GLN A 98 17.09 7.31 -4.44
N LEU A 99 15.90 7.87 -4.51
CA LEU A 99 15.51 9.05 -3.74
C LEU A 99 15.26 8.73 -2.27
N SER A 100 14.86 7.49 -2.00
CA SER A 100 14.72 6.99 -0.64
C SER A 100 15.94 6.13 -0.26
N THR A 101 16.79 6.66 0.60
CA THR A 101 17.98 5.94 1.08
C THR A 101 18.11 6.05 2.61
N GLY A 102 18.72 5.05 3.23
CA GLY A 102 19.00 5.10 4.66
C GLY A 102 18.09 4.21 5.50
N LEU A 103 18.50 3.98 6.73
CA LEU A 103 17.70 3.22 7.69
C LEU A 103 17.57 3.97 9.01
N ASP A 104 16.38 4.52 9.24
CA ASP A 104 16.09 5.23 10.47
C ASP A 104 15.69 4.25 11.57
N ILE A 105 16.41 4.31 12.68
CA ILE A 105 16.24 3.35 13.78
C ILE A 105 14.87 3.46 14.45
N ILE A 106 14.41 4.69 14.66
CA ILE A 106 13.10 4.95 15.22
C ILE A 106 12.00 4.51 14.25
N GLY A 107 12.22 4.78 12.95
CA GLY A 107 11.32 4.32 11.90
C GLY A 107 11.19 2.81 11.88
N LEU A 108 12.33 2.13 12.07
CA LEU A 108 12.39 0.68 12.14
C LEU A 108 11.61 0.14 13.33
N ALA A 109 11.84 0.73 14.50
CA ALA A 109 11.09 0.40 15.72
C ALA A 109 9.58 0.57 15.49
N GLY A 110 9.21 1.70 14.90
CA GLY A 110 7.80 2.00 14.60
C GLY A 110 7.16 0.97 13.69
N GLU A 111 7.92 0.53 12.69
CA GLU A 111 7.49 -0.50 11.76
C GLU A 111 7.24 -1.84 12.46
N TRP A 112 8.17 -2.21 13.35
CA TRP A 112 8.06 -3.46 14.11
C TRP A 112 6.82 -3.48 15.00
N LEU A 113 6.50 -2.33 15.60
CA LEU A 113 5.29 -2.20 16.42
C LEU A 113 4.02 -2.25 15.58
N THR A 114 4.02 -1.55 14.45
CA THR A 114 2.88 -1.52 13.54
C THR A 114 2.49 -2.93 13.10
N SER A 115 3.49 -3.72 12.72
CA SER A 115 3.30 -5.11 12.31
C SER A 115 2.72 -5.97 13.44
N THR A 116 3.14 -5.68 14.66
CA THR A 116 2.63 -6.37 15.86
C THR A 116 1.18 -5.98 16.14
N ALA A 117 0.86 -4.71 15.94
CA ALA A 117 -0.51 -4.19 16.10
C ALA A 117 -1.43 -4.74 15.01
N ASN A 118 -0.88 -4.94 13.80
CA ASN A 118 -1.57 -5.59 12.68
C ASN A 118 -3.05 -5.22 12.52
N THR A 119 -3.32 -3.99 12.12
CA THR A 119 -4.69 -3.51 11.97
C THR A 119 -4.90 -2.67 10.69
N ASN A 120 -6.16 -2.41 10.36
CA ASN A 120 -6.56 -1.60 9.23
C ASN A 120 -6.85 -0.16 9.66
N MET A 121 -6.58 0.80 8.77
CA MET A 121 -6.82 2.22 9.05
C MET A 121 -8.26 2.69 8.82
N PHE A 122 -9.12 1.83 8.27
CA PHE A 122 -10.41 2.29 7.75
C PHE A 122 -11.47 2.78 8.77
N THR A 123 -11.35 2.36 10.02
CA THR A 123 -12.28 2.78 11.07
C THR A 123 -11.56 3.09 12.38
N TYR A 124 -12.13 4.00 13.15
CA TYR A 124 -11.66 4.28 14.51
C TYR A 124 -11.88 3.07 15.42
N GLU A 125 -12.90 2.29 15.09
CA GLU A 125 -13.27 1.08 15.82
C GLU A 125 -12.11 0.10 16.06
N ILE A 126 -11.29 -0.14 15.03
CA ILE A 126 -10.16 -1.07 15.18
C ILE A 126 -8.76 -0.42 15.07
N ALA A 127 -8.72 0.90 14.91
CA ALA A 127 -7.45 1.63 14.90
C ALA A 127 -7.55 2.98 15.61
N PRO A 128 -8.00 2.99 16.88
CA PRO A 128 -8.31 4.24 17.55
C PRO A 128 -7.12 5.20 17.68
N VAL A 129 -5.98 4.68 18.13
CA VAL A 129 -4.79 5.50 18.33
C VAL A 129 -4.22 6.00 17.00
N PHE A 130 -4.10 5.10 16.03
CA PHE A 130 -3.53 5.42 14.73
C PHE A 130 -4.34 6.43 13.94
N VAL A 131 -5.67 6.35 14.04
CA VAL A 131 -6.57 7.31 13.40
C VAL A 131 -6.33 8.73 13.93
N LEU A 132 -6.17 8.86 15.24
CA LEU A 132 -5.95 10.15 15.88
C LEU A 132 -4.57 10.70 15.53
N MET A 133 -3.58 9.82 15.52
CA MET A 133 -2.22 10.18 15.10
C MET A 133 -2.20 10.74 13.69
N GLU A 134 -2.95 10.11 12.79
CA GLU A 134 -3.05 10.56 11.40
C GLU A 134 -3.67 11.95 11.31
N GLN A 135 -4.75 12.17 12.06
CA GLN A 135 -5.44 13.46 12.13
C GLN A 135 -4.52 14.57 12.64
N ILE A 136 -3.81 14.30 13.73
CA ILE A 136 -2.85 15.24 14.32
C ILE A 136 -1.73 15.58 13.34
N THR A 137 -1.16 14.53 12.73
CA THR A 137 -0.01 14.68 11.82
C THR A 137 -0.38 15.41 10.52
N LEU A 138 -1.50 15.02 9.90
CA LEU A 138 -1.97 15.67 8.67
C LEU A 138 -2.21 17.16 8.85
N LYS A 139 -2.81 17.55 9.98
CA LYS A 139 -3.08 18.97 10.20
C LYS A 139 -1.79 19.77 10.42
N LYS A 140 -0.83 19.16 11.11
CA LYS A 140 0.49 19.73 11.30
C LYS A 140 1.18 19.95 9.96
N MET A 141 1.06 18.98 9.06
CA MET A 141 1.61 19.07 7.72
C MET A 141 0.98 20.20 6.90
N ARG A 142 -0.33 20.39 7.08
CA ARG A 142 -1.05 21.48 6.41
C ARG A 142 -0.60 22.84 6.93
N GLU A 143 -0.30 22.92 8.23
CA GLU A 143 0.22 24.13 8.84
C GLU A 143 1.61 24.46 8.28
N ILE A 144 2.44 23.43 8.11
CA ILE A 144 3.78 23.60 7.55
C ILE A 144 3.71 24.05 6.08
N VAL A 145 2.73 23.51 5.35
CA VAL A 145 2.47 23.94 3.98
C VAL A 145 2.07 25.42 3.92
N GLY A 146 1.39 25.90 4.96
CA GLY A 146 0.99 27.31 5.06
C GLY A 146 -0.50 27.53 4.98
N TRP A 147 -1.27 26.44 5.03
CA TRP A 147 -2.72 26.52 5.05
C TRP A 147 -3.23 26.75 6.47
N SER A 148 -4.54 26.96 6.59
CA SER A 148 -5.22 27.17 7.85
C SER A 148 -5.03 26.00 8.83
N SER A 149 -5.06 26.33 10.12
CA SER A 149 -4.98 25.33 11.19
C SER A 149 -6.33 24.66 11.43
N LYS A 150 -7.39 25.31 10.98
CA LYS A 150 -8.73 24.76 11.08
C LYS A 150 -9.13 24.13 9.74
N ASP A 151 -9.96 23.11 9.80
CA ASP A 151 -10.45 22.40 8.60
C ASP A 151 -9.28 21.85 7.77
N GLY A 152 -9.43 21.90 6.44
CA GLY A 152 -8.48 21.23 5.55
C GLY A 152 -8.71 19.74 5.54
N ASP A 153 -7.96 19.03 4.70
CA ASP A 153 -8.18 17.60 4.52
C ASP A 153 -6.89 16.90 4.12
N GLY A 154 -6.97 15.58 4.02
CA GLY A 154 -5.84 14.77 3.59
C GLY A 154 -5.98 13.32 4.01
N ILE A 155 -5.13 12.48 3.44
CA ILE A 155 -5.07 11.06 3.80
C ILE A 155 -3.71 10.50 3.37
N PHE A 156 -3.28 9.46 4.05
CA PHE A 156 -2.08 8.74 3.65
C PHE A 156 -2.44 7.73 2.58
N SER A 157 -1.59 7.62 1.55
CA SER A 157 -1.84 6.77 0.40
C SER A 157 -0.66 5.83 0.17
N PRO A 158 -0.90 4.70 -0.55
CA PRO A 158 0.18 3.75 -0.83
C PRO A 158 1.10 4.21 -1.97
N GLY A 159 1.81 5.32 -1.74
CA GLY A 159 2.75 5.86 -2.72
C GLY A 159 2.34 7.23 -3.22
N GLY A 160 3.35 8.05 -3.55
CA GLY A 160 3.12 9.39 -4.10
C GLY A 160 2.42 9.37 -5.46
N ALA A 161 2.61 8.28 -6.19
CA ALA A 161 1.94 8.06 -7.47
C ALA A 161 0.43 8.06 -7.28
N ILE A 162 -0.02 7.39 -6.23
CA ILE A 162 -1.45 7.32 -5.92
C ILE A 162 -1.95 8.61 -5.24
N SER A 163 -1.09 9.25 -4.46
CA SER A 163 -1.36 10.61 -3.98
C SER A 163 -1.61 11.59 -5.13
N ASN A 164 -0.74 11.57 -6.14
CA ASN A 164 -0.98 12.32 -7.38
C ASN A 164 -2.33 11.98 -8.02
N MET A 165 -2.63 10.68 -8.10
CA MET A 165 -3.90 10.18 -8.64
C MET A 165 -5.12 10.73 -7.88
N TYR A 166 -5.05 10.71 -6.53
CA TYR A 166 -6.06 11.34 -5.67
C TYR A 166 -6.35 12.79 -6.06
N SER A 167 -5.28 13.56 -6.33
CA SER A 167 -5.41 15.00 -6.58
C SER A 167 -6.15 15.27 -7.88
N ILE A 168 -5.93 14.43 -8.88
CA ILE A 168 -6.61 14.54 -10.15
C ILE A 168 -8.08 14.13 -9.99
N MET A 169 -8.32 13.10 -9.19
CA MET A 169 -9.67 12.64 -8.90
C MET A 169 -10.48 13.71 -8.18
N ALA A 170 -9.83 14.33 -7.19
CA ALA A 170 -10.43 15.40 -6.38
C ALA A 170 -10.80 16.62 -7.21
N ALA A 171 -9.86 17.08 -8.04
CA ALA A 171 -10.07 18.21 -8.95
C ALA A 171 -11.22 17.92 -9.92
N ARG A 172 -11.26 16.69 -10.43
CA ARG A 172 -12.30 16.28 -11.36
C ARG A 172 -13.66 16.31 -10.70
N TYR A 173 -13.73 15.83 -9.45
CA TYR A 173 -14.99 15.85 -8.69
C TYR A 173 -15.46 17.27 -8.35
N LYS A 174 -14.50 18.13 -8.02
CA LYS A 174 -14.76 19.54 -7.69
C LYS A 174 -15.35 20.29 -8.89
N TYR A 175 -14.77 20.06 -10.06
CA TYR A 175 -15.15 20.76 -11.27
C TYR A 175 -16.26 20.07 -12.05
N PHE A 176 -16.22 18.74 -12.12
CA PHE A 176 -17.16 17.97 -12.94
C PHE A 176 -17.71 16.76 -12.16
N PRO A 177 -18.53 17.02 -11.12
CA PRO A 177 -19.02 15.94 -10.27
C PRO A 177 -19.90 14.90 -10.97
N GLU A 178 -20.39 15.25 -12.16
CA GLU A 178 -21.22 14.34 -12.96
C GLU A 178 -20.44 13.12 -13.49
N VAL A 179 -19.12 13.24 -13.57
CA VAL A 179 -18.26 12.15 -14.04
C VAL A 179 -18.43 10.89 -13.19
N LYS A 180 -18.51 11.06 -11.88
CA LYS A 180 -18.66 9.95 -10.94
C LYS A 180 -19.78 8.96 -11.32
N THR A 181 -20.92 9.50 -11.77
CA THR A 181 -22.08 8.69 -12.14
C THR A 181 -22.18 8.42 -13.63
N LYS A 182 -21.85 9.41 -14.45
CA LYS A 182 -22.07 9.32 -15.90
C LYS A 182 -20.84 8.83 -16.67
N GLY A 183 -19.66 9.07 -16.12
CA GLY A 183 -18.42 8.69 -16.78
C GLY A 183 -17.82 9.86 -17.52
N MET A 184 -16.61 9.65 -18.03
CA MET A 184 -15.84 10.68 -18.73
C MET A 184 -16.46 11.13 -20.05
N ALA A 185 -17.29 10.28 -20.65
CA ALA A 185 -17.94 10.61 -21.92
C ALA A 185 -19.00 11.71 -21.80
N ALA A 186 -19.40 12.02 -20.56
CA ALA A 186 -20.37 13.06 -20.27
C ALA A 186 -19.74 14.47 -20.25
N VAL A 187 -18.42 14.53 -20.12
CA VAL A 187 -17.67 15.78 -20.22
C VAL A 187 -16.47 15.59 -21.16
N PRO A 188 -16.73 15.61 -22.48
CA PRO A 188 -15.65 15.33 -23.44
C PRO A 188 -14.43 16.25 -23.31
N LYS A 189 -13.27 15.69 -23.65
CA LYS A 189 -11.98 16.39 -23.68
C LYS A 189 -11.63 17.37 -22.54
N LEU A 190 -11.46 16.80 -21.35
CA LEU A 190 -10.79 17.46 -20.25
C LEU A 190 -9.29 17.25 -20.45
N VAL A 191 -8.50 18.29 -20.17
CA VAL A 191 -7.03 18.19 -20.26
C VAL A 191 -6.33 18.45 -18.92
N LEU A 192 -5.17 17.83 -18.74
CA LEU A 192 -4.32 18.04 -17.57
C LEU A 192 -3.02 18.66 -18.05
N PHE A 193 -2.43 19.52 -17.22
CA PHE A 193 -1.14 20.13 -17.53
C PHE A 193 -0.08 19.71 -16.52
N THR A 194 1.11 19.42 -17.05
CA THR A 194 2.25 19.02 -16.23
C THR A 194 3.55 19.32 -16.96
N SER A 195 4.63 19.47 -16.21
CA SER A 195 5.96 19.71 -16.77
C SER A 195 6.45 18.55 -17.63
N GLU A 196 7.29 18.86 -18.61
CA GLU A 196 8.02 17.85 -19.38
C GLU A 196 8.92 17.00 -18.48
N GLN A 197 9.31 17.55 -17.34
CA GLN A 197 10.21 16.88 -16.41
C GLN A 197 9.51 16.45 -15.11
N SER A 198 8.18 16.47 -15.12
CA SER A 198 7.39 16.01 -13.98
C SER A 198 7.36 14.49 -13.93
N HIS A 199 6.91 13.95 -12.81
CA HIS A 199 6.86 12.51 -12.59
C HIS A 199 5.81 11.84 -13.47
N TYR A 200 6.15 10.65 -13.98
CA TYR A 200 5.31 9.92 -14.93
C TYR A 200 3.94 9.50 -14.38
N SER A 201 3.75 9.62 -13.08
CA SER A 201 2.50 9.24 -12.43
C SER A 201 1.32 10.10 -12.86
N ILE A 202 1.60 11.29 -13.39
CA ILE A 202 0.55 12.16 -13.93
C ILE A 202 -0.04 11.57 -15.21
N LYS A 203 0.83 11.19 -16.16
CA LYS A 203 0.43 10.50 -17.39
C LYS A 203 -0.24 9.16 -17.09
N LYS A 204 0.29 8.45 -16.10
CA LYS A 204 -0.22 7.15 -15.66
C LYS A 204 -1.64 7.27 -15.12
N ALA A 205 -1.86 8.27 -14.26
CA ALA A 205 -3.22 8.56 -13.75
C ALA A 205 -4.13 9.08 -14.86
N GLY A 206 -3.58 9.90 -15.76
CA GLY A 206 -4.31 10.34 -16.94
C GLY A 206 -4.90 9.19 -17.73
N ALA A 207 -4.08 8.18 -18.00
CA ALA A 207 -4.50 6.99 -18.74
C ALA A 207 -5.50 6.16 -17.92
N ALA A 208 -5.18 5.94 -16.66
CA ALA A 208 -6.00 5.09 -15.78
C ALA A 208 -7.40 5.65 -15.54
N LEU A 209 -7.48 6.97 -15.34
CA LEU A 209 -8.74 7.65 -14.97
C LEU A 209 -9.66 7.99 -16.16
N GLY A 210 -9.20 7.73 -17.39
CA GLY A 210 -10.04 7.86 -18.57
C GLY A 210 -9.86 9.15 -19.37
N PHE A 211 -8.83 9.92 -19.05
CA PHE A 211 -8.54 11.16 -19.75
C PHE A 211 -7.85 10.90 -21.09
N GLY A 212 -7.03 9.85 -21.13
CA GLY A 212 -6.16 9.59 -22.27
C GLY A 212 -4.87 10.37 -22.16
N THR A 213 -3.76 9.73 -22.52
CA THR A 213 -2.45 10.39 -22.44
C THR A 213 -2.28 11.54 -23.44
N ASP A 214 -3.06 11.52 -24.53
CA ASP A 214 -3.09 12.62 -25.50
C ASP A 214 -3.53 13.92 -24.83
N ASN A 215 -4.32 13.78 -23.76
CA ASN A 215 -4.91 14.92 -23.06
C ASN A 215 -4.16 15.30 -21.78
N VAL A 216 -2.96 14.73 -21.62
CA VAL A 216 -2.02 15.16 -20.60
C VAL A 216 -0.95 15.95 -21.33
N ILE A 217 -1.01 17.27 -21.20
CA ILE A 217 -0.19 18.18 -22.01
C ILE A 217 1.07 18.58 -21.24
N LEU A 218 2.21 18.35 -21.88
CA LEU A 218 3.51 18.65 -21.29
C LEU A 218 3.93 20.10 -21.52
N ILE A 219 4.32 20.77 -20.44
CA ILE A 219 4.75 22.17 -20.49
C ILE A 219 6.27 22.24 -20.61
N LYS A 220 6.76 23.11 -21.50
CA LYS A 220 8.19 23.28 -21.74
C LYS A 220 8.93 23.75 -20.50
N CYS A 221 10.15 23.24 -20.33
CA CYS A 221 11.02 23.60 -19.22
C CYS A 221 12.21 24.42 -19.72
N ASN A 222 12.70 25.32 -18.88
CA ASN A 222 13.91 26.07 -19.20
C ASN A 222 15.18 25.23 -18.97
N GLU A 223 16.34 25.85 -19.15
CA GLU A 223 17.64 25.20 -18.95
C GLU A 223 17.76 24.50 -17.59
N ARG A 224 17.21 25.13 -16.56
CA ARG A 224 17.30 24.63 -15.18
C ARG A 224 16.20 23.60 -14.83
N GLY A 225 15.39 23.23 -15.83
CA GLY A 225 14.37 22.19 -15.67
C GLY A 225 13.09 22.66 -15.01
N LYS A 226 12.87 23.98 -15.03
CA LYS A 226 11.67 24.58 -14.45
C LYS A 226 10.62 24.82 -15.53
N ILE A 227 9.34 24.70 -15.17
CA ILE A 227 8.25 25.09 -16.05
C ILE A 227 8.42 26.54 -16.47
N ILE A 228 8.28 26.78 -17.78
CA ILE A 228 8.17 28.12 -18.31
C ILE A 228 6.69 28.51 -18.24
N PRO A 229 6.32 29.44 -17.34
CA PRO A 229 4.91 29.78 -17.17
C PRO A 229 4.23 30.31 -18.45
N ALA A 230 5.01 30.45 -19.51
CA ALA A 230 4.66 31.33 -20.63
C ALA A 230 3.56 30.99 -21.65
N ASP A 231 3.66 29.98 -22.53
CA ASP A 231 3.92 28.54 -22.37
C ASP A 231 2.88 27.70 -21.62
N PHE A 232 2.87 27.74 -20.30
CA PHE A 232 1.75 27.18 -19.56
C PHE A 232 0.50 27.92 -20.01
N GLU A 233 0.53 29.25 -19.91
CA GLU A 233 -0.58 30.11 -20.36
C GLU A 233 -0.92 29.90 -21.84
N ALA A 234 0.10 29.82 -22.68
CA ALA A 234 -0.09 29.60 -24.13
C ALA A 234 -0.80 28.28 -24.44
N LYS A 235 -0.43 27.21 -23.74
CA LYS A 235 -1.04 25.89 -23.93
C LYS A 235 -2.48 25.86 -23.46
N ILE A 236 -2.79 26.62 -22.41
CA ILE A 236 -4.17 26.78 -21.94
C ILE A 236 -5.03 27.41 -23.03
N LEU A 237 -4.53 28.50 -23.62
CA LEU A 237 -5.23 29.23 -24.67
C LEU A 237 -5.41 28.38 -25.92
N GLU A 238 -4.34 27.66 -26.28
CA GLU A 238 -4.35 26.71 -27.38
C GLU A 238 -5.41 25.62 -27.18
N ALA A 239 -5.50 25.10 -25.95
CA ALA A 239 -6.42 24.02 -25.61
C ALA A 239 -7.89 24.42 -25.70
N LYS A 240 -8.23 25.58 -25.12
CA LYS A 240 -9.62 26.02 -25.18
C LYS A 240 -10.01 26.62 -26.53
N GLN A 241 -9.00 26.96 -27.34
CA GLN A 241 -9.20 27.41 -28.71
C GLN A 241 -9.66 26.24 -29.59
N LYS A 242 -9.14 25.04 -29.31
CA LYS A 242 -9.58 23.84 -30.01
C LYS A 242 -10.78 23.16 -29.34
N GLY A 243 -11.32 23.82 -28.31
CA GLY A 243 -12.56 23.36 -27.66
C GLY A 243 -12.38 22.49 -26.43
N TYR A 244 -11.13 22.28 -26.02
CA TYR A 244 -10.84 21.43 -24.86
C TYR A 244 -10.97 22.21 -23.55
N VAL A 245 -11.13 21.48 -22.45
CA VAL A 245 -11.42 22.08 -21.15
C VAL A 245 -10.27 21.86 -20.14
N PRO A 246 -9.40 22.88 -19.96
CA PRO A 246 -8.37 22.87 -18.93
C PRO A 246 -8.98 23.08 -17.55
N PHE A 247 -8.47 22.37 -16.55
CA PHE A 247 -9.02 22.44 -15.19
C PHE A 247 -7.97 22.17 -14.11
N TYR A 248 -6.83 21.62 -14.51
CA TYR A 248 -5.83 21.08 -13.57
C TYR A 248 -4.40 21.27 -14.07
N VAL A 249 -3.52 21.69 -13.16
CA VAL A 249 -2.08 21.73 -13.41
C VAL A 249 -1.31 21.05 -12.26
N ASN A 250 -0.25 20.35 -12.61
CA ASN A 250 0.68 19.79 -11.63
C ASN A 250 2.00 20.55 -11.66
N ALA A 251 2.35 21.15 -10.53
CA ALA A 251 3.66 21.82 -10.38
C ALA A 251 4.57 21.00 -9.46
N THR A 252 5.82 20.82 -9.89
CA THR A 252 6.87 20.10 -9.16
C THR A 252 8.04 21.08 -8.98
N ALA A 253 8.45 21.50 -7.78
CA ALA A 253 8.18 20.94 -6.44
C ALA A 253 9.30 19.96 -6.03
N GLY A 254 10.34 19.89 -6.84
CA GLY A 254 11.43 18.94 -6.68
C GLY A 254 11.27 17.78 -7.65
N THR A 255 11.81 17.95 -8.86
CA THR A 255 11.70 16.91 -9.88
C THR A 255 12.62 15.73 -9.56
N THR A 256 12.27 14.57 -10.10
CA THR A 256 12.97 13.33 -9.79
C THR A 256 14.42 13.32 -10.26
N VAL A 257 14.67 13.90 -11.43
CA VAL A 257 16.01 13.89 -12.01
C VAL A 257 16.85 15.15 -11.65
N TYR A 258 16.42 16.32 -12.11
CA TYR A 258 17.14 17.58 -11.85
C TYR A 258 17.01 18.07 -10.40
N GLY A 259 15.91 17.73 -9.74
CA GLY A 259 15.62 18.27 -8.42
C GLY A 259 15.19 19.72 -8.52
N ALA A 260 14.64 20.09 -9.67
CA ALA A 260 14.20 21.45 -9.95
C ALA A 260 12.87 21.76 -9.30
N PHE A 261 12.62 23.05 -9.03
CA PHE A 261 11.37 23.50 -8.47
C PHE A 261 10.63 24.41 -9.44
N ASP A 262 9.42 24.00 -9.83
CA ASP A 262 8.55 24.82 -10.69
C ASP A 262 8.18 26.12 -9.98
N PRO A 263 8.05 27.24 -10.73
CA PRO A 263 7.77 28.53 -10.11
C PRO A 263 6.31 28.63 -9.67
N ILE A 264 6.02 28.15 -8.46
CA ILE A 264 4.64 27.94 -8.00
C ILE A 264 3.82 29.23 -8.00
N GLN A 265 4.45 30.32 -7.57
CA GLN A 265 3.76 31.60 -7.42
C GLN A 265 3.27 32.15 -8.76
N GLU A 266 4.10 32.04 -9.80
CA GLU A 266 3.73 32.45 -11.15
C GLU A 266 2.65 31.53 -11.73
N ILE A 267 2.79 30.22 -11.49
CA ILE A 267 1.80 29.23 -11.91
C ILE A 267 0.46 29.48 -11.20
N ALA A 268 0.53 29.78 -9.90
CA ALA A 268 -0.67 30.06 -9.11
C ALA A 268 -1.44 31.28 -9.63
N ASP A 269 -0.71 32.30 -10.10
CA ASP A 269 -1.30 33.50 -10.69
C ASP A 269 -2.08 33.13 -11.95
N ILE A 270 -1.49 32.26 -12.76
CA ILE A 270 -2.13 31.81 -13.98
C ILE A 270 -3.35 30.94 -13.66
N CYS A 271 -3.24 30.12 -12.60
CA CYS A 271 -4.36 29.30 -12.13
C CYS A 271 -5.53 30.11 -11.62
N GLU A 272 -5.23 31.19 -10.89
CA GLU A 272 -6.25 32.07 -10.33
C GLU A 272 -6.99 32.78 -11.46
N LYS A 273 -6.23 33.21 -12.47
CA LYS A 273 -6.76 33.93 -13.63
C LYS A 273 -7.71 33.06 -14.47
N TYR A 274 -7.32 31.80 -14.69
CA TYR A 274 -8.08 30.90 -15.56
C TYR A 274 -8.95 29.88 -14.82
N ASN A 275 -9.00 30.00 -13.48
CA ASN A 275 -9.72 29.05 -12.63
C ASN A 275 -9.31 27.59 -12.84
N LEU A 276 -8.03 27.33 -12.58
CA LEU A 276 -7.49 25.97 -12.65
C LEU A 276 -7.13 25.47 -11.26
N TRP A 277 -7.35 24.17 -11.03
CA TRP A 277 -6.93 23.51 -9.81
C TRP A 277 -5.40 23.44 -9.83
N LEU A 278 -4.77 23.86 -8.75
CA LEU A 278 -3.32 23.82 -8.64
C LEU A 278 -2.90 22.72 -7.70
N HIS A 279 -2.18 21.74 -8.24
CA HIS A 279 -1.61 20.67 -7.45
C HIS A 279 -0.12 20.82 -7.42
N VAL A 280 0.47 20.68 -6.24
CA VAL A 280 1.91 20.69 -6.10
C VAL A 280 2.41 19.30 -5.73
N ASP A 281 3.21 18.72 -6.63
CA ASP A 281 3.85 17.44 -6.37
C ASP A 281 5.17 17.64 -5.61
N ALA A 282 5.06 17.64 -4.29
CA ALA A 282 6.22 17.80 -3.41
C ALA A 282 6.65 16.46 -2.80
N ALA A 283 6.40 15.36 -3.52
CA ALA A 283 6.82 14.03 -3.09
C ALA A 283 8.29 14.02 -2.68
N TRP A 284 9.14 14.61 -3.52
CA TRP A 284 10.59 14.67 -3.28
C TRP A 284 11.01 15.98 -2.60
N GLY A 285 10.48 17.11 -3.05
CA GLY A 285 10.86 18.41 -2.51
C GLY A 285 10.19 18.81 -1.20
N GLY A 286 9.18 18.04 -0.79
CA GLY A 286 8.39 18.34 0.41
C GLY A 286 9.17 18.33 1.73
N GLY A 287 10.23 17.53 1.76
CA GLY A 287 11.10 17.49 2.94
C GLY A 287 11.73 18.83 3.26
N LEU A 288 11.90 19.66 2.23
CA LEU A 288 12.54 20.99 2.37
C LEU A 288 11.64 22.00 3.10
N LEU A 289 10.36 21.66 3.24
CA LEU A 289 9.43 22.47 4.02
C LEU A 289 9.80 22.47 5.50
N MET A 290 10.49 21.41 5.93
CA MET A 290 10.96 21.25 7.32
C MET A 290 12.17 22.13 7.64
N SER A 291 12.77 22.74 6.61
CA SER A 291 13.96 23.56 6.78
C SER A 291 13.66 25.04 6.59
N ARG A 292 13.96 25.85 7.60
CA ARG A 292 13.82 27.31 7.52
C ARG A 292 14.73 27.90 6.44
N LYS A 293 15.91 27.31 6.29
CA LYS A 293 16.89 27.74 5.28
C LYS A 293 16.45 27.44 3.84
N HIS A 294 15.72 26.33 3.65
CA HIS A 294 15.41 25.86 2.30
C HIS A 294 13.94 25.91 1.87
N ARG A 295 13.02 26.15 2.81
CA ARG A 295 11.58 26.09 2.50
C ARG A 295 11.10 27.08 1.45
N HIS A 296 11.87 28.15 1.24
CA HIS A 296 11.55 29.19 0.25
C HIS A 296 11.46 28.65 -1.18
N LYS A 297 12.10 27.51 -1.43
CA LYS A 297 12.03 26.87 -2.76
C LYS A 297 10.61 26.43 -3.11
N LEU A 298 9.76 26.34 -2.08
CA LEU A 298 8.36 25.97 -2.25
C LEU A 298 7.39 27.14 -2.03
N ASN A 299 7.91 28.38 -2.03
CA ASN A 299 7.07 29.58 -1.93
C ASN A 299 5.93 29.57 -2.94
N GLY A 300 4.72 29.84 -2.45
CA GLY A 300 3.51 29.79 -3.28
C GLY A 300 2.67 28.55 -3.02
N ILE A 301 3.27 27.55 -2.38
CA ILE A 301 2.59 26.28 -2.09
C ILE A 301 1.33 26.48 -1.24
N GLU A 302 1.31 27.56 -0.46
CA GLU A 302 0.17 27.90 0.38
C GLU A 302 -1.08 28.22 -0.45
N ARG A 303 -0.86 28.45 -1.74
CA ARG A 303 -1.93 28.77 -2.68
C ARG A 303 -2.42 27.55 -3.46
N ALA A 304 -1.77 26.40 -3.25
CA ALA A 304 -2.15 25.15 -3.89
C ALA A 304 -3.49 24.65 -3.36
N ASN A 305 -4.24 23.97 -4.23
CA ASN A 305 -5.47 23.31 -3.83
C ASN A 305 -5.19 21.91 -3.26
N SER A 306 -4.07 21.32 -3.68
CA SER A 306 -3.64 20.02 -3.17
C SER A 306 -2.12 19.88 -3.22
N VAL A 307 -1.60 19.04 -2.33
CA VAL A 307 -0.16 18.80 -2.21
C VAL A 307 0.13 17.31 -1.97
N THR A 308 0.98 16.73 -2.79
CA THR A 308 1.56 15.42 -2.52
C THR A 308 2.89 15.59 -1.81
N TRP A 309 3.09 14.83 -0.74
CA TRP A 309 4.29 14.94 0.09
C TRP A 309 4.63 13.54 0.58
N ASN A 310 5.84 13.08 0.25
CA ASN A 310 6.33 11.76 0.68
C ASN A 310 7.35 11.85 1.82
N PRO A 311 6.91 11.73 3.07
CA PRO A 311 7.85 11.54 4.18
C PRO A 311 8.86 10.41 3.97
N HIS A 312 8.50 9.39 3.19
CA HIS A 312 9.41 8.27 2.96
C HIS A 312 10.62 8.58 2.05
N MET A 314 12.79 12.35 1.47
CA MET A 314 13.79 13.17 2.17
C MET A 314 13.82 13.04 3.69
N MET A 315 12.64 12.91 4.31
CA MET A 315 12.56 12.79 5.77
C MET A 315 12.99 11.41 6.24
N GLY A 316 13.18 10.48 5.29
CA GLY A 316 13.77 9.18 5.57
C GLY A 316 12.90 8.25 6.39
N VAL A 317 11.58 8.43 6.30
CA VAL A 317 10.65 7.48 6.86
C VAL A 317 10.69 6.21 5.99
N LEU A 318 10.60 5.05 6.62
CA LEU A 318 10.60 3.78 5.91
C LEU A 318 9.39 3.66 4.97
N LEU A 319 9.61 3.10 3.78
CA LEU A 319 8.55 2.90 2.79
C LEU A 319 7.41 2.03 3.34
N GLN A 320 6.15 2.38 3.11
CA GLN A 320 5.73 3.59 2.38
C GLN A 320 5.16 4.62 3.34
N CYS A 321 5.38 5.90 3.02
CA CYS A 321 4.77 6.99 3.77
C CYS A 321 4.54 8.18 2.84
N SER A 322 3.31 8.29 2.37
CA SER A 322 2.94 9.32 1.41
C SER A 322 1.57 9.91 1.76
N ALA A 323 1.50 11.24 1.77
CA ALA A 323 0.25 11.92 2.07
C ALA A 323 -0.22 12.74 0.88
N ILE A 324 -1.53 12.75 0.66
CA ILE A 324 -2.16 13.79 -0.15
C ILE A 324 -2.85 14.78 0.79
N LEU A 325 -2.56 16.07 0.61
CA LEU A 325 -3.15 17.13 1.40
C LEU A 325 -4.09 17.91 0.49
N VAL A 326 -5.29 18.17 0.97
CA VAL A 326 -6.30 18.88 0.18
C VAL A 326 -6.82 20.07 1.00
N LYS A 327 -6.78 21.25 0.39
CA LYS A 327 -7.13 22.50 1.09
C LYS A 327 -8.58 22.51 1.56
N GLU A 328 -9.49 22.16 0.66
CA GLU A 328 -10.91 22.17 0.95
C GLU A 328 -11.37 20.79 1.43
N LYS A 329 -11.97 20.76 2.62
CA LYS A 329 -12.48 19.53 3.21
C LYS A 329 -13.80 19.12 2.55
N GLY A 330 -14.03 17.82 2.44
CA GLY A 330 -15.28 17.30 1.88
C GLY A 330 -15.17 16.84 0.44
N ILE A 331 -14.13 17.28 -0.27
CA ILE A 331 -13.92 16.89 -1.66
C ILE A 331 -13.57 15.42 -1.79
N LEU A 332 -12.61 14.96 -0.98
CA LEU A 332 -12.21 13.55 -0.99
C LEU A 332 -13.37 12.62 -0.61
N GLN A 333 -14.12 13.01 0.41
CA GLN A 333 -15.29 12.27 0.87
C GLN A 333 -16.35 12.17 -0.23
N GLY A 334 -16.70 13.31 -0.82
CA GLY A 334 -17.69 13.36 -1.89
C GLY A 334 -17.27 12.55 -3.10
N CYS A 335 -16.00 12.68 -3.47
CA CYS A 335 -15.44 11.99 -4.62
C CYS A 335 -15.45 10.47 -4.48
N ASN A 336 -15.14 9.98 -3.28
CA ASN A 336 -14.80 8.57 -3.09
C ASN A 336 -15.85 7.69 -2.40
N GLN A 337 -16.74 8.30 -1.62
CA GLN A 337 -17.68 7.55 -0.80
C GLN A 337 -18.58 6.60 -1.60
N MET A 338 -18.85 5.44 -1.02
CA MET A 338 -19.83 4.50 -1.55
C MET A 338 -20.87 4.13 -0.48
N CYS A 339 -20.57 4.53 0.77
CA CYS A 339 -21.48 4.40 1.93
C CYS A 339 -22.02 2.98 2.11
N ALA A 340 -21.12 2.00 2.02
CA ALA A 340 -21.50 0.59 2.00
C ALA A 340 -21.88 0.03 3.37
N GLY A 341 -22.52 -1.13 3.34
CA GLY A 341 -22.72 -2.04 4.48
C GLY A 341 -22.70 -1.55 5.93
N TYR A 342 -21.66 -1.83 6.70
CA TYR A 342 -20.30 -2.31 6.30
C TYR A 342 -19.48 -1.23 5.53
N LEU A 343 -18.81 -0.34 6.27
CA LEU A 343 -18.69 -0.42 7.72
C LEU A 343 -18.09 0.79 8.46
N PHE A 344 -18.79 1.92 8.70
CA PHE A 344 -20.04 2.45 8.10
C PHE A 344 -21.19 1.54 7.63
N GLN A 345 -22.24 1.31 8.43
CA GLN A 345 -22.41 1.63 9.87
C GLN A 345 -22.40 3.10 10.34
N PRO A 346 -23.55 3.79 10.19
CA PRO A 346 -23.74 5.12 10.74
C PRO A 346 -24.21 5.12 12.21
N ASP A 347 -24.80 4.02 12.65
CA ASP A 347 -25.39 3.92 13.99
C ASP A 347 -24.48 3.34 15.06
N LYS A 348 -23.21 3.73 15.03
CA LYS A 348 -22.25 3.34 16.06
C LYS A 348 -22.38 4.23 17.31
N GLN A 349 -21.81 3.77 18.41
CA GLN A 349 -21.87 4.49 19.70
C GLN A 349 -20.88 5.64 19.83
N TYR A 350 -19.91 5.72 18.91
CA TYR A 350 -18.96 6.84 18.90
C TYR A 350 -19.17 7.72 17.67
N ASP A 351 -18.51 8.89 17.67
CA ASP A 351 -18.60 9.84 16.57
C ASP A 351 -18.03 9.23 15.28
N VAL A 352 -18.92 8.99 14.31
CA VAL A 352 -18.55 8.25 13.08
C VAL A 352 -17.73 9.06 12.06
N SER A 353 -17.61 10.37 12.31
CA SER A 353 -16.75 11.24 11.50
C SER A 353 -15.28 10.83 11.65
N TYR A 354 -15.00 10.02 12.67
CA TYR A 354 -13.67 9.46 12.91
C TYR A 354 -13.41 8.15 12.15
N ASP A 355 -14.41 7.69 11.40
CA ASP A 355 -14.21 6.61 10.42
C ASP A 355 -13.91 7.26 9.07
N THR A 356 -12.65 7.14 8.65
CA THR A 356 -12.12 7.91 7.53
C THR A 356 -11.97 7.12 6.22
N GLY A 357 -12.23 5.81 6.28
CA GLY A 357 -12.06 4.90 5.15
C GLY A 357 -12.82 5.19 3.87
N ASP A 358 -13.98 5.83 3.98
CA ASP A 358 -14.84 6.06 2.81
C ASP A 358 -14.38 7.20 1.89
N LYS A 359 -13.39 7.99 2.32
CA LYS A 359 -12.81 9.04 1.47
C LYS A 359 -11.55 8.56 0.73
N ALA A 360 -11.17 7.31 1.00
CA ALA A 360 -10.03 6.68 0.34
C ALA A 360 -10.49 5.95 -0.91
N ILE A 361 -9.55 5.68 -1.81
CA ILE A 361 -9.80 4.82 -2.97
C ILE A 361 -9.59 3.35 -2.57
N GLN A 362 -8.81 3.15 -1.51
CA GLN A 362 -8.59 1.82 -0.94
C GLN A 362 -9.78 1.44 -0.08
N CYS A 363 -9.90 0.15 0.20
CA CYS A 363 -10.78 -0.33 1.25
C CYS A 363 -9.91 -0.54 2.47
N GLY A 364 -9.28 -1.72 2.57
CA GLY A 364 -8.27 -1.97 3.60
C GLY A 364 -7.06 -1.09 3.37
N ARG A 365 -6.50 -0.55 4.45
CA ARG A 365 -5.35 0.36 4.33
C ARG A 365 -4.32 0.10 5.44
N HIS A 366 -3.07 -0.06 5.03
CA HIS A 366 -1.98 -0.33 5.94
C HIS A 366 -1.68 0.90 6.81
N VAL A 367 -1.32 0.66 8.06
CA VAL A 367 -0.95 1.72 8.98
C VAL A 367 0.46 2.22 8.65
N ASP A 368 0.54 3.40 8.02
CA ASP A 368 1.82 4.00 7.73
C ASP A 368 2.16 5.15 8.69
N ILE A 369 1.21 5.50 9.56
CA ILE A 369 1.34 6.68 10.40
C ILE A 369 2.28 6.54 11.62
N PHE A 370 2.25 5.39 12.29
CA PHE A 370 2.98 5.28 13.55
C PHE A 370 4.48 5.51 13.39
N LYS A 371 5.08 4.87 12.40
CA LYS A 371 6.51 5.01 12.14
C LYS A 371 6.92 6.47 11.95
N PHE A 372 6.07 7.22 11.24
CA PHE A 372 6.29 8.65 10.94
C PHE A 372 6.08 9.50 12.19
N TRP A 373 4.94 9.31 12.86
CA TRP A 373 4.62 10.00 14.10
C TRP A 373 5.71 9.80 15.14
N LEU A 374 6.14 8.56 15.34
CA LEU A 374 7.18 8.23 16.32
C LEU A 374 8.52 8.91 16.00
N MET A 375 8.88 8.93 14.72
CA MET A 375 10.09 9.61 14.26
C MET A 375 10.04 11.11 14.55
N TRP A 376 8.87 11.71 14.34
CA TRP A 376 8.65 13.12 14.61
C TRP A 376 8.78 13.42 16.11
N LYS A 377 8.24 12.54 16.94
CA LYS A 377 8.41 12.63 18.41
C LYS A 377 9.88 12.49 18.80
N ALA A 378 10.59 11.58 18.14
CA ALA A 378 11.97 11.25 18.48
C ALA A 378 12.96 12.30 18.01
N LYS A 379 12.61 12.98 16.92
CA LYS A 379 13.51 13.95 16.31
C LYS A 379 13.11 15.38 16.62
N GLY A 380 11.80 15.62 16.69
CA GLY A 380 11.25 16.97 16.68
C GLY A 380 11.42 17.56 15.29
N THR A 381 10.68 18.63 15.01
CA THR A 381 10.82 19.35 13.75
C THR A 381 12.27 19.78 13.49
N VAL A 382 12.97 20.19 14.55
CA VAL A 382 14.37 20.60 14.48
C VAL A 382 15.27 19.45 14.03
N GLY A 383 14.95 18.24 14.48
CA GLY A 383 15.67 17.03 14.08
C GLY A 383 15.64 16.81 12.58
N PHE A 384 14.46 16.86 12.00
CA PHE A 384 14.30 16.77 10.54
C PHE A 384 15.05 17.91 9.84
N GLU A 385 14.91 19.12 10.37
CA GLU A 385 15.54 20.31 9.80
C GLU A 385 17.06 20.16 9.67
N ASN A 386 17.71 19.76 10.76
CA ASN A 386 19.16 19.60 10.77
C ASN A 386 19.63 18.52 9.82
N GLN A 387 18.85 17.43 9.76
CA GLN A 387 19.10 16.32 8.88
C GLN A 387 18.99 16.73 7.41
N ILE A 388 17.93 17.45 7.07
CA ILE A 388 17.73 17.92 5.70
C ILE A 388 18.85 18.88 5.29
N ASN A 389 19.20 19.80 6.18
CA ASN A 389 20.24 20.80 5.92
C ASN A 389 21.61 20.23 5.57
N LYS A 390 22.02 19.18 6.27
CA LYS A 390 23.33 18.56 6.00
C LYS A 390 23.41 17.79 4.68
N CYS A 391 22.32 17.13 4.31
CA CYS A 391 22.21 16.45 3.01
C CYS A 391 22.37 17.44 1.85
N LEU A 392 21.75 18.60 1.98
CA LEU A 392 21.85 19.65 0.96
C LEU A 392 23.22 20.30 0.94
N GLU A 393 23.85 20.37 2.12
CA GLU A 393 25.19 20.90 2.27
C GLU A 393 26.21 20.02 1.54
N LEU A 394 26.12 18.70 1.71
CA LEU A 394 27.08 17.82 1.03
C LEU A 394 26.75 17.59 -0.46
N ALA A 395 25.53 17.95 -0.87
CA ALA A 395 25.19 18.05 -2.29
C ALA A 395 25.84 19.28 -2.94
N GLU A 396 25.92 20.37 -2.18
CA GLU A 396 26.65 21.58 -2.60
C GLU A 396 28.13 21.26 -2.73
N TYR A 397 28.65 20.52 -1.76
CA TYR A 397 30.04 20.06 -1.73
C TYR A 397 30.39 19.26 -2.99
N LEU A 398 29.51 18.31 -3.33
CA LEU A 398 29.67 17.47 -4.51
C LEU A 398 29.69 18.32 -5.77
N TYR A 399 28.70 19.19 -5.91
CA TYR A 399 28.58 20.05 -7.06
C TYR A 399 29.87 20.87 -7.26
N ALA A 400 30.33 21.52 -6.19
CA ALA A 400 31.56 22.32 -6.23
C ALA A 400 32.81 21.51 -6.58
N LYS A 401 32.83 20.25 -6.19
CA LYS A 401 33.98 19.36 -6.42
C LYS A 401 34.18 18.99 -7.89
N ILE A 402 33.08 18.82 -8.61
CA ILE A 402 33.12 18.32 -9.99
C ILE A 402 32.80 19.42 -11.02
N LYS A 403 32.32 20.56 -10.51
CA LYS A 403 31.92 21.72 -11.32
C LYS A 403 32.91 22.12 -12.42
N ASN A 404 34.21 22.17 -12.07
CA ASN A 404 35.24 22.63 -12.99
C ASN A 404 36.35 21.61 -13.23
N ARG A 405 35.94 20.36 -13.45
CA ARG A 405 36.89 19.28 -13.74
C ARG A 405 36.72 18.76 -15.16
N GLU A 406 37.85 18.43 -15.79
CA GLU A 406 37.87 17.93 -17.16
C GLU A 406 37.19 16.56 -17.29
N GLU A 407 37.23 15.77 -16.22
CA GLU A 407 36.66 14.43 -16.21
C GLU A 407 35.13 14.43 -16.20
N PHE A 408 34.54 15.54 -15.74
CA PHE A 408 33.09 15.63 -15.57
C PHE A 408 32.48 16.76 -16.37
N GLU A 409 31.23 16.56 -16.79
CA GLU A 409 30.48 17.58 -17.50
C GLU A 409 29.10 17.68 -16.86
N MET A 410 28.72 18.89 -16.48
CA MET A 410 27.39 19.14 -15.92
C MET A 410 26.33 19.08 -17.01
N VAL A 411 25.20 18.45 -16.69
CA VAL A 411 24.12 18.24 -17.66
C VAL A 411 23.42 19.55 -18.03
N PHE A 412 23.28 20.44 -17.06
CA PHE A 412 22.66 21.75 -17.28
C PHE A 412 23.38 22.84 -16.53
N ASN A 413 23.25 24.08 -17.00
CA ASN A 413 23.87 25.23 -16.37
C ASN A 413 22.99 25.78 -15.25
N GLY A 414 23.48 25.67 -14.02
CA GLY A 414 22.74 26.12 -12.84
C GLY A 414 23.11 25.34 -11.59
N GLU A 415 23.00 26.00 -10.45
CA GLU A 415 23.23 25.35 -9.15
C GLU A 415 22.04 24.47 -8.81
N PRO A 416 22.30 23.23 -8.33
CA PRO A 416 21.24 22.33 -7.90
C PRO A 416 20.37 22.92 -6.79
N GLU A 417 19.05 22.81 -6.96
CA GLU A 417 18.09 23.32 -5.98
C GLU A 417 17.81 22.29 -4.88
N HIS A 418 18.05 21.02 -5.20
CA HIS A 418 17.85 19.92 -4.27
C HIS A 418 19.19 19.19 -4.07
N THR A 419 19.14 17.91 -3.73
CA THR A 419 20.36 17.12 -3.56
C THR A 419 20.76 16.40 -4.85
N ASN A 420 19.93 16.54 -5.88
CA ASN A 420 20.22 15.99 -7.20
C ASN A 420 21.39 16.71 -7.85
N VAL A 421 22.40 15.94 -8.25
CA VAL A 421 23.52 16.48 -9.02
C VAL A 421 23.67 15.64 -10.28
N CYS A 422 23.38 16.26 -11.42
CA CYS A 422 23.34 15.57 -12.71
C CYS A 422 24.57 15.86 -13.56
N PHE A 423 25.31 14.80 -13.90
CA PHE A 423 26.60 14.94 -14.57
C PHE A 423 26.94 13.72 -15.43
N TRP A 424 27.79 13.95 -16.42
CA TRP A 424 28.41 12.88 -17.20
C TRP A 424 29.85 12.68 -16.72
N TYR A 425 30.33 11.44 -16.76
CA TYR A 425 31.77 11.21 -16.75
C TYR A 425 32.22 11.14 -18.20
N ILE A 426 33.15 12.01 -18.58
CA ILE A 426 33.63 12.07 -19.96
C ILE A 426 35.01 11.41 -20.05
N PRO A 427 35.09 10.25 -20.73
CA PRO A 427 36.39 9.60 -20.89
C PRO A 427 37.28 10.39 -21.86
N GLN A 428 38.59 10.24 -21.71
CA GLN A 428 39.59 10.95 -22.52
C GLN A 428 39.20 11.08 -24.00
N SER A 429 38.73 9.98 -24.58
CA SER A 429 38.37 9.90 -26.00
C SER A 429 37.36 10.97 -26.45
N LEU A 430 36.50 11.40 -25.54
CA LEU A 430 35.42 12.33 -25.88
C LEU A 430 35.67 13.77 -25.42
N ARG A 431 36.91 14.07 -25.06
CA ARG A 431 37.32 15.44 -24.70
C ARG A 431 38.05 16.10 -25.88
N GLY A 432 37.45 17.10 -26.52
CA GLY A 432 36.11 17.60 -26.18
C GLY A 432 35.72 18.77 -27.09
N VAL A 433 34.79 18.55 -28.02
CA VAL A 433 34.08 17.29 -28.17
C VAL A 433 34.01 16.85 -29.66
N PRO A 434 33.13 17.48 -30.47
CA PRO A 434 31.98 18.36 -30.22
C PRO A 434 30.65 17.60 -30.19
N ASP A 435 29.59 18.24 -29.66
CA ASP A 435 28.29 17.59 -29.48
C ASP A 435 27.58 17.29 -30.80
N SER A 436 27.29 16.01 -31.01
CA SER A 436 26.65 15.53 -32.24
C SER A 436 25.85 14.27 -31.93
N PRO A 437 24.93 13.88 -32.84
CA PRO A 437 24.24 12.59 -32.69
C PRO A 437 25.21 11.40 -32.67
N GLN A 438 26.35 11.53 -33.36
CA GLN A 438 27.38 10.50 -33.38
C GLN A 438 28.09 10.36 -32.03
N ARG A 439 28.42 11.49 -31.41
CA ARG A 439 29.07 11.52 -30.09
C ARG A 439 28.15 11.03 -28.97
N ARG A 440 26.88 11.42 -29.03
CA ARG A 440 25.87 11.04 -28.04
C ARG A 440 25.65 9.53 -27.99
N GLU A 441 25.78 8.88 -29.15
CA GLU A 441 25.68 7.43 -29.23
C GLU A 441 26.80 6.72 -28.47
N LYS A 442 27.99 7.32 -28.46
CA LYS A 442 29.13 6.78 -27.71
C LYS A 442 29.04 7.07 -26.21
N LEU A 443 28.69 8.31 -25.88
CA LEU A 443 28.57 8.75 -24.49
C LEU A 443 27.47 7.99 -23.75
N HIS A 444 26.40 7.67 -24.48
CA HIS A 444 25.27 6.90 -23.96
C HIS A 444 25.72 5.60 -23.28
N LYS A 445 26.79 4.98 -23.80
CA LYS A 445 27.25 3.68 -23.31
C LYS A 445 28.14 3.77 -22.06
N VAL A 446 28.63 4.96 -21.75
CA VAL A 446 29.57 5.16 -20.64
C VAL A 446 28.95 4.88 -19.25
N ALA A 447 27.91 5.63 -18.90
CA ALA A 447 27.25 5.49 -17.59
C ALA A 447 26.78 4.07 -17.25
N PRO A 448 26.07 3.39 -18.19
CA PRO A 448 25.68 1.99 -17.93
C PRO A 448 26.85 1.03 -17.68
N LYS A 449 27.98 1.28 -18.35
CA LYS A 449 29.18 0.46 -18.15
C LYS A 449 29.76 0.67 -16.74
N ILE A 450 29.91 1.93 -16.33
CA ILE A 450 30.41 2.26 -14.98
C ILE A 450 29.48 1.71 -13.90
N LYS A 451 28.16 1.83 -14.12
CA LYS A 451 27.16 1.30 -13.19
C LYS A 451 27.28 -0.22 -13.06
N ALA A 452 27.51 -0.90 -14.19
CA ALA A 452 27.71 -2.35 -14.19
C ALA A 452 28.92 -2.76 -13.35
N LEU A 453 29.99 -1.98 -13.45
CA LEU A 453 31.21 -2.22 -12.68
C LEU A 453 31.03 -1.90 -11.20
N MET A 454 30.23 -0.87 -10.89
CA MET A 454 29.87 -0.53 -9.52
C MET A 454 29.16 -1.67 -8.82
N MET A 455 28.17 -2.22 -9.50
CA MET A 455 27.35 -3.30 -8.96
C MET A 455 28.14 -4.60 -8.79
N GLU A 456 29.09 -4.83 -9.70
CA GLU A 456 29.98 -5.99 -9.63
C GLU A 456 30.92 -5.92 -8.41
N SER A 457 31.49 -4.74 -8.17
CA SER A 457 32.37 -4.55 -7.02
C SER A 457 31.58 -4.37 -5.73
N GLY A 458 30.36 -3.85 -5.85
CA GLY A 458 29.47 -3.64 -4.70
C GLY A 458 29.90 -2.51 -3.76
N THR A 459 30.76 -1.62 -4.25
CA THR A 459 31.31 -0.54 -3.44
C THR A 459 30.32 0.61 -3.26
N THR A 460 29.54 0.87 -4.31
CA THR A 460 28.56 1.96 -4.31
C THR A 460 27.48 1.72 -5.37
N MET A 461 26.40 2.48 -5.29
CA MET A 461 25.36 2.48 -6.33
C MET A 461 24.86 3.89 -6.56
N VAL A 462 24.81 4.29 -7.84
CA VAL A 462 24.21 5.56 -8.23
C VAL A 462 23.42 5.36 -9.53
N GLY A 463 22.31 6.09 -9.67
CA GLY A 463 21.47 5.97 -10.85
C GLY A 463 22.01 6.72 -12.05
N TYR A 464 21.71 6.18 -13.24
CA TYR A 464 21.93 6.88 -14.49
C TYR A 464 20.64 6.87 -15.30
N GLN A 465 20.49 7.86 -16.19
CA GLN A 465 19.30 7.97 -17.05
C GLN A 465 19.47 8.99 -18.16
N PRO A 466 18.75 8.81 -19.29
CA PRO A 466 18.67 9.85 -20.30
C PRO A 466 17.51 10.81 -20.01
N GLN A 467 17.45 11.90 -20.77
CA GLN A 467 16.34 12.85 -20.70
C GLN A 467 16.27 13.62 -22.00
N GLY A 468 15.11 13.58 -22.66
CA GLY A 468 14.92 14.24 -23.94
C GLY A 468 15.89 13.73 -24.99
N ASP A 469 16.88 14.56 -25.33
CA ASP A 469 17.90 14.21 -26.31
C ASP A 469 19.25 13.92 -25.66
N LYS A 470 19.37 14.17 -24.36
CA LYS A 470 20.61 13.95 -23.62
C LYS A 470 20.90 12.46 -23.50
N ALA A 471 22.18 12.10 -23.68
CA ALA A 471 22.64 10.73 -23.46
C ALA A 471 22.67 10.40 -21.96
N ASN A 472 22.62 9.10 -21.62
CA ASN A 472 22.67 8.65 -20.23
C ASN A 472 23.62 9.47 -19.39
N PHE A 473 23.11 10.03 -18.29
CA PHE A 473 23.96 10.75 -17.34
C PHE A 473 23.72 10.28 -15.92
N PHE A 474 24.71 10.47 -15.06
CA PHE A 474 24.56 10.14 -13.65
C PHE A 474 23.69 11.18 -12.96
N ARG A 475 22.80 10.69 -12.10
CA ARG A 475 22.05 11.55 -11.20
C ARG A 475 22.35 11.13 -9.77
N MET A 476 23.28 11.86 -9.17
CA MET A 476 23.60 11.69 -7.77
C MET A 476 22.50 12.33 -6.94
N VAL A 477 22.20 11.72 -5.79
CA VAL A 477 21.21 12.24 -4.84
C VAL A 477 21.63 11.89 -3.41
N ILE A 478 21.24 12.73 -2.47
CA ILE A 478 21.56 12.51 -1.06
C ILE A 478 20.33 12.68 -0.17
N SER A 479 19.99 11.62 0.56
CA SER A 479 18.89 11.66 1.51
C SER A 479 19.22 10.88 2.78
N ASN A 480 20.37 10.23 2.77
CA ASN A 480 20.81 9.36 3.86
C ASN A 480 21.65 10.16 4.88
N PRO A 481 21.16 10.25 6.13
CA PRO A 481 21.96 10.89 7.18
C PRO A 481 23.28 10.21 7.48
N ALA A 482 23.44 8.96 7.02
CA ALA A 482 24.67 8.21 7.17
C ALA A 482 25.76 8.65 6.17
N ALA A 483 25.35 9.24 5.06
CA ALA A 483 26.28 9.77 4.06
C ALA A 483 27.14 10.88 4.64
N THR A 484 28.44 10.82 4.37
CA THR A 484 29.38 11.84 4.83
C THR A 484 30.17 12.38 3.62
N GLN A 485 30.89 13.47 3.87
CA GLN A 485 31.74 14.09 2.86
C GLN A 485 32.75 13.12 2.25
N SER A 486 33.35 12.27 3.09
CA SER A 486 34.29 11.25 2.62
C SER A 486 33.62 10.17 1.74
N ASP A 487 32.32 9.93 1.94
CA ASP A 487 31.55 9.06 1.06
C ASP A 487 31.31 9.69 -0.30
N ILE A 488 31.25 11.02 -0.32
CA ILE A 488 31.11 11.77 -1.56
C ILE A 488 32.44 11.75 -2.31
N ASP A 489 33.54 11.95 -1.56
CA ASP A 489 34.89 11.83 -2.10
C ASP A 489 35.15 10.45 -2.70
N PHE A 490 34.74 9.41 -1.98
CA PHE A 490 34.88 8.04 -2.45
C PHE A 490 34.13 7.79 -3.77
N LEU A 491 32.86 8.19 -3.82
CA LEU A 491 32.03 7.95 -5.01
C LEU A 491 32.63 8.58 -6.26
N ILE A 492 33.07 9.82 -6.13
CA ILE A 492 33.66 10.58 -7.24
C ILE A 492 34.94 9.90 -7.73
N GLU A 493 35.82 9.56 -6.79
CA GLU A 493 37.06 8.85 -7.09
C GLU A 493 36.79 7.48 -7.73
N GLU A 494 35.72 6.82 -7.28
CA GLU A 494 35.31 5.53 -7.81
C GLU A 494 34.80 5.63 -9.26
N ILE A 495 34.05 6.69 -9.54
CA ILE A 495 33.54 6.94 -10.90
C ILE A 495 34.71 7.15 -11.87
N GLU A 496 35.69 7.96 -11.46
CA GLU A 496 36.90 8.21 -12.25
C GLU A 496 37.73 6.93 -12.43
N ARG A 497 37.84 6.15 -11.36
CA ARG A 497 38.57 4.88 -11.38
C ARG A 497 37.94 3.91 -12.39
N LEU A 498 36.63 3.72 -12.29
CA LEU A 498 35.87 2.85 -13.18
C LEU A 498 35.77 3.43 -14.59
N GLY A 499 35.94 4.75 -14.68
CA GLY A 499 35.81 5.49 -15.94
C GLY A 499 36.79 5.12 -17.04
N GLN A 500 38.01 4.75 -16.66
CA GLN A 500 38.98 4.23 -17.65
C GLN A 500 39.29 2.76 -17.38
N ASP A 501 38.23 1.95 -17.32
CA ASP A 501 38.35 0.51 -17.06
C ASP A 501 37.13 -0.22 -17.59
N THR B 1 17.82 8.00 34.03
CA THR B 1 19.06 8.70 33.58
C THR B 1 19.85 7.92 32.51
N ASP B 2 19.27 6.81 32.03
CA ASP B 2 19.88 6.04 30.95
C ASP B 2 19.26 6.40 29.58
N PHE B 3 18.11 5.80 29.26
CA PHE B 3 17.38 6.17 28.04
C PHE B 3 16.73 7.55 28.16
N SER B 4 16.50 7.99 29.40
CA SER B 4 15.93 9.32 29.65
C SER B 4 16.93 10.45 29.40
N ASN B 5 18.19 10.11 29.17
CA ASN B 5 19.21 11.08 28.78
C ASN B 5 19.77 10.80 27.38
N LEU B 6 19.07 9.93 26.65
CA LEU B 6 19.45 9.57 25.30
C LEU B 6 18.39 9.98 24.29
N PHE B 7 18.84 10.33 23.09
CA PHE B 7 17.97 10.78 22.03
C PHE B 7 18.25 10.01 20.75
N ALA B 8 17.31 10.03 19.82
CA ALA B 8 17.44 9.35 18.52
C ALA B 8 18.67 9.80 17.72
N ARG B 9 19.05 11.06 17.88
CA ARG B 9 20.22 11.63 17.21
C ARG B 9 21.54 11.00 17.68
N ASP B 10 21.49 10.32 18.83
CA ASP B 10 22.66 9.63 19.39
C ASP B 10 22.79 8.19 18.91
N LEU B 11 21.76 7.66 18.27
CA LEU B 11 21.78 6.29 17.73
C LEU B 11 22.40 6.26 16.33
N LEU B 12 22.68 5.06 15.83
CA LEU B 12 23.16 4.88 14.45
C LEU B 12 22.25 5.65 13.49
N PRO B 13 22.83 6.35 12.49
CA PRO B 13 24.20 6.36 11.99
C PRO B 13 25.23 7.20 12.78
N ALA B 14 24.83 7.79 13.90
CA ALA B 14 25.79 8.55 14.73
C ALA B 14 26.98 7.65 15.09
N LYS B 15 28.18 8.20 14.96
CA LYS B 15 29.43 7.45 15.15
C LYS B 15 29.42 6.60 16.42
N ASN B 16 29.78 5.32 16.25
CA ASN B 16 29.83 4.32 17.33
C ASN B 16 28.57 4.26 18.21
N GLY B 17 27.40 4.39 17.58
CA GLY B 17 26.13 4.29 18.28
C GLY B 17 25.57 2.89 18.27
N GLU B 18 26.39 1.92 17.88
CA GLU B 18 25.98 0.53 17.64
C GLU B 18 25.35 -0.15 18.87
N GLU B 19 26.03 -0.12 20.00
CA GLU B 19 25.59 -0.81 21.21
C GLU B 19 24.29 -0.24 21.79
N GLN B 20 24.17 1.09 21.74
CA GLN B 20 22.98 1.79 22.26
C GLN B 20 21.77 1.59 21.34
N THR B 21 22.03 1.51 20.04
CA THR B 21 21.01 1.20 19.03
C THR B 21 20.47 -0.21 19.26
N VAL B 22 21.38 -1.16 19.45
CA VAL B 22 21.02 -2.55 19.75
C VAL B 22 20.17 -2.63 21.02
N GLN B 23 20.60 -1.93 22.08
CA GLN B 23 19.88 -1.94 23.34
C GLN B 23 18.49 -1.33 23.23
N PHE B 24 18.39 -0.20 22.52
CA PHE B 24 17.10 0.43 22.30
C PHE B 24 16.13 -0.51 21.58
N LEU B 25 16.58 -1.08 20.46
CA LEU B 25 15.75 -2.00 19.66
C LEU B 25 15.33 -3.25 20.43
N LEU B 26 16.23 -3.77 21.27
CA LEU B 26 15.91 -4.88 22.16
C LEU B 26 14.87 -4.53 23.24
N GLU B 27 14.88 -3.28 23.68
CA GLU B 27 13.86 -2.77 24.60
C GLU B 27 12.49 -2.63 23.91
N VAL B 28 12.51 -2.23 22.63
CA VAL B 28 11.29 -2.20 21.81
C VAL B 28 10.75 -3.62 21.63
N VAL B 29 11.62 -4.53 21.19
CA VAL B 29 11.24 -5.94 20.99
C VAL B 29 10.60 -6.53 22.24
N ASP B 30 11.17 -6.20 23.40
CA ASP B 30 10.67 -6.67 24.70
C ASP B 30 9.22 -6.26 24.94
N ILE B 31 8.91 -5.01 24.58
CA ILE B 31 7.53 -4.49 24.65
C ILE B 31 6.60 -5.28 23.72
N LEU B 32 7.08 -5.58 22.52
CA LEU B 32 6.29 -6.28 21.50
C LEU B 32 6.08 -7.75 21.86
N LEU B 33 7.10 -8.37 22.45
CA LEU B 33 7.01 -9.76 22.91
C LEU B 33 5.98 -9.91 24.03
N ASN B 34 5.96 -8.96 24.96
CA ASN B 34 4.93 -8.94 26.01
C ASN B 34 3.52 -8.83 25.44
N TYR B 35 3.37 -7.99 24.41
CA TYR B 35 2.10 -7.83 23.71
C TYR B 35 1.68 -9.10 22.96
N VAL B 36 2.65 -9.77 22.32
CA VAL B 36 2.42 -11.05 21.66
C VAL B 36 1.95 -12.12 22.66
N ARG B 37 2.63 -12.23 23.80
CA ARG B 37 2.24 -13.13 24.89
C ARG B 37 0.79 -12.91 25.32
N LYS B 38 0.45 -11.65 25.58
CA LYS B 38 -0.87 -11.29 26.10
C LYS B 38 -2.00 -11.41 25.07
N THR B 39 -1.64 -11.41 23.79
CA THR B 39 -2.61 -11.55 22.70
C THR B 39 -3.32 -12.91 22.75
N PHE B 40 -2.58 -13.94 23.10
CA PHE B 40 -3.11 -15.31 23.10
C PHE B 40 -3.66 -15.72 24.47
N ASP B 41 -3.67 -14.78 25.41
CA ASP B 41 -4.21 -14.99 26.75
C ASP B 41 -5.64 -14.45 26.83
N ARG B 42 -6.58 -15.32 27.16
CA ARG B 42 -8.00 -14.98 27.16
C ARG B 42 -8.46 -14.12 28.35
N SER B 43 -7.59 -13.99 29.35
CA SER B 43 -7.83 -13.08 30.47
C SER B 43 -7.71 -11.62 30.03
N THR B 44 -6.88 -11.38 29.01
CA THR B 44 -6.70 -10.04 28.44
C THR B 44 -7.96 -9.60 27.69
N LYS B 45 -8.31 -8.33 27.84
CA LYS B 45 -9.43 -7.75 27.09
C LYS B 45 -9.07 -7.59 25.62
N VAL B 46 -10.06 -7.72 24.75
CA VAL B 46 -9.89 -7.49 23.32
C VAL B 46 -9.50 -6.02 23.09
N LEU B 47 -10.15 -5.12 23.81
CA LEU B 47 -9.83 -3.68 23.76
C LEU B 47 -10.25 -2.96 25.04
N ASP B 48 -9.52 -1.90 25.38
CA ASP B 48 -9.94 -0.95 26.40
C ASP B 48 -10.52 0.25 25.65
N PHE B 49 -11.84 0.26 25.48
CA PHE B 49 -12.48 1.24 24.58
C PHE B 49 -12.56 2.66 25.14
N HIS B 50 -12.19 3.61 24.30
CA HIS B 50 -12.28 5.03 24.64
C HIS B 50 -12.83 5.80 23.44
N HIS B 51 -13.77 6.70 23.72
CA HIS B 51 -14.30 7.62 22.72
C HIS B 51 -13.16 8.51 22.23
N PRO B 52 -13.21 8.91 20.94
CA PRO B 52 -12.14 9.74 20.36
C PRO B 52 -11.73 10.93 21.24
N HIS B 53 -12.71 11.64 21.81
CA HIS B 53 -12.42 12.82 22.63
C HIS B 53 -11.63 12.51 23.91
N GLN B 54 -11.81 11.30 24.44
CA GLN B 54 -11.08 10.86 25.65
C GLN B 54 -9.57 10.78 25.43
N LEU B 55 -9.17 10.20 24.30
CA LEU B 55 -7.75 10.03 23.99
C LEU B 55 -7.10 11.34 23.51
N LEU B 56 -7.90 12.17 22.85
CA LEU B 56 -7.46 13.49 22.37
C LEU B 56 -7.16 14.50 23.49
N GLU B 57 -7.66 14.21 24.69
CA GLU B 57 -7.55 15.14 25.82
C GLU B 57 -6.47 14.77 26.83
N GLY B 58 -5.74 13.69 26.55
CA GLY B 58 -4.64 13.25 27.43
C GLY B 58 -5.06 12.09 28.32
N MET B 59 -4.82 10.88 27.82
CA MET B 59 -5.25 9.66 28.49
C MET B 59 -4.11 8.61 28.52
N GLU B 60 -3.30 8.61 29.58
CA GLU B 60 -3.36 9.56 30.70
C GLU B 60 -2.03 9.49 31.48
N GLY B 61 -1.07 10.36 31.15
CA GLY B 61 -1.20 11.34 30.08
C GLY B 61 -0.41 10.97 28.85
N PHE B 62 -1.06 10.26 27.94
CA PHE B 62 -0.49 9.91 26.65
C PHE B 62 -0.67 11.10 25.71
N ASN B 63 0.45 11.70 25.31
CA ASN B 63 0.44 12.92 24.51
C ASN B 63 0.70 12.68 23.02
N LEU B 64 -0.33 12.94 22.22
CA LEU B 64 -0.28 12.68 20.78
C LEU B 64 0.24 13.87 19.96
N GLU B 65 0.32 15.04 20.59
CA GLU B 65 0.76 16.25 19.91
C GLU B 65 2.23 16.21 19.53
N LEU B 66 2.58 16.89 18.45
CA LEU B 66 3.96 16.94 17.96
C LEU B 66 4.57 18.31 18.28
N SER B 67 5.91 18.35 18.36
CA SER B 67 6.61 19.59 18.72
C SER B 67 7.94 19.77 18.01
N ASP B 68 8.56 20.93 18.23
CA ASP B 68 9.83 21.32 17.63
C ASP B 68 10.99 20.45 18.09
N HIS B 69 10.96 20.06 19.35
CA HIS B 69 12.10 19.39 19.97
C HIS B 69 11.85 17.92 20.30
N PRO B 70 12.93 17.10 20.24
CA PRO B 70 12.85 15.66 20.48
C PRO B 70 12.51 15.28 21.91
N GLU B 71 11.79 14.17 22.06
CA GLU B 71 11.62 13.51 23.34
C GLU B 71 12.78 12.55 23.55
N SER B 72 13.03 12.20 24.81
CA SER B 72 14.04 11.19 25.12
C SER B 72 13.59 9.82 24.63
N LEU B 73 14.55 8.91 24.43
CA LEU B 73 14.26 7.55 23.99
C LEU B 73 13.43 6.79 25.01
N GLU B 74 13.57 7.17 26.28
CA GLU B 74 12.75 6.61 27.35
C GLU B 74 11.28 6.96 27.14
N GLN B 75 11.03 8.20 26.76
CA GLN B 75 9.67 8.66 26.47
C GLN B 75 9.14 8.03 25.19
N ILE B 76 10.04 7.76 24.25
CA ILE B 76 9.71 7.03 23.02
C ILE B 76 9.25 5.61 23.34
N LEU B 77 9.96 4.94 24.24
CA LEU B 77 9.60 3.60 24.70
C LEU B 77 8.26 3.59 25.43
N VAL B 78 8.01 4.65 26.22
CA VAL B 78 6.73 4.84 26.91
C VAL B 78 5.60 5.03 25.90
N ASP B 79 5.86 5.83 24.86
CA ASP B 79 4.88 6.06 23.79
C ASP B 79 4.52 4.76 23.06
N CYS B 80 5.51 3.89 22.87
CA CYS B 80 5.29 2.57 22.28
C CYS B 80 4.39 1.71 23.14
N ARG B 81 4.70 1.65 24.44
CA ARG B 81 3.88 0.90 25.39
C ARG B 81 2.44 1.39 25.44
N ASP B 82 2.25 2.71 25.48
CA ASP B 82 0.91 3.33 25.54
C ASP B 82 0.11 3.13 24.26
N THR B 83 0.78 3.21 23.12
CA THR B 83 0.15 2.97 21.81
C THR B 83 -0.49 1.59 21.77
N LEU B 84 0.24 0.59 22.24
CA LEU B 84 -0.26 -0.79 22.26
C LEU B 84 -1.31 -1.01 23.33
N LYS B 85 -1.24 -0.23 24.41
CA LYS B 85 -2.18 -0.33 25.53
C LYS B 85 -3.61 0.06 25.11
N TYR B 86 -3.70 1.08 24.26
CA TYR B 86 -4.98 1.65 23.88
C TYR B 86 -5.49 1.23 22.50
N GLY B 87 -4.80 0.26 21.90
CA GLY B 87 -5.21 -0.26 20.60
C GLY B 87 -6.09 -1.50 20.74
N VAL B 88 -6.48 -2.05 19.60
CA VAL B 88 -7.32 -3.25 19.57
C VAL B 88 -6.45 -4.47 19.28
N ARG B 89 -6.63 -5.52 20.07
CA ARG B 89 -5.89 -6.77 19.87
C ARG B 89 -6.55 -7.61 18.79
N THR B 90 -6.08 -7.43 17.55
CA THR B 90 -6.64 -8.11 16.38
C THR B 90 -6.24 -9.58 16.29
N GLY B 91 -5.34 -10.00 17.18
CA GLY B 91 -4.89 -11.40 17.23
C GLY B 91 -5.61 -12.22 18.27
N HIS B 92 -6.40 -11.55 19.11
CA HIS B 92 -7.13 -12.15 20.21
C HIS B 92 -8.07 -13.26 19.71
N PRO B 93 -8.06 -14.43 20.38
CA PRO B 93 -8.95 -15.54 20.02
C PRO B 93 -10.41 -15.14 19.89
N ARG B 94 -10.81 -14.11 20.63
CA ARG B 94 -12.20 -13.66 20.64
C ARG B 94 -12.46 -12.37 19.86
N PHE B 95 -11.52 -12.03 18.97
CA PHE B 95 -11.70 -10.94 18.01
C PHE B 95 -12.28 -11.51 16.73
N PHE B 96 -13.56 -11.22 16.47
CA PHE B 96 -14.27 -11.70 15.29
C PHE B 96 -14.82 -10.54 14.45
N ASN B 97 -14.27 -9.35 14.64
CA ASN B 97 -14.83 -8.13 14.07
C ASN B 97 -14.64 -7.97 12.56
N GLN B 98 -13.55 -8.55 12.03
CA GLN B 98 -13.17 -8.36 10.63
C GLN B 98 -12.93 -9.70 9.92
N LEU B 99 -12.74 -9.64 8.61
CA LEU B 99 -12.36 -10.80 7.81
C LEU B 99 -10.90 -11.20 8.01
N SER B 100 -10.07 -10.22 8.36
CA SER B 100 -8.68 -10.49 8.72
C SER B 100 -8.52 -10.46 10.23
N THR B 101 -8.30 -11.63 10.82
CA THR B 101 -8.09 -11.77 12.28
C THR B 101 -6.91 -12.68 12.58
N GLY B 102 -6.25 -12.45 13.71
CA GLY B 102 -5.16 -13.30 14.16
C GLY B 102 -3.78 -12.70 13.97
N LEU B 103 -2.80 -13.30 14.65
CA LEU B 103 -1.40 -12.90 14.52
C LEU B 103 -0.53 -14.12 14.24
N ASP B 104 -0.07 -14.22 12.99
CA ASP B 104 0.83 -15.29 12.59
C ASP B 104 2.27 -14.95 12.94
N ILE B 105 2.90 -15.81 13.72
CA ILE B 105 4.26 -15.59 14.22
C ILE B 105 5.31 -15.50 13.11
N ILE B 106 5.19 -16.38 12.12
CA ILE B 106 6.07 -16.38 10.97
C ILE B 106 5.85 -15.14 10.12
N GLY B 107 4.58 -14.77 9.95
CA GLY B 107 4.21 -13.52 9.26
C GLY B 107 4.81 -12.31 9.95
N LEU B 108 4.79 -12.31 11.27
CA LEU B 108 5.35 -11.23 12.08
C LEU B 108 6.87 -11.13 11.90
N ALA B 109 7.55 -12.27 11.98
CA ALA B 109 8.98 -12.34 11.71
C ALA B 109 9.31 -11.82 10.31
N GLY B 110 8.53 -12.26 9.33
CA GLY B 110 8.70 -11.83 7.94
C GLY B 110 8.57 -10.34 7.77
N GLU B 111 7.59 -9.76 8.47
CA GLU B 111 7.36 -8.32 8.48
C GLU B 111 8.54 -7.55 9.07
N TRP B 112 9.09 -8.05 10.18
CA TRP B 112 10.21 -7.41 10.86
C TRP B 112 11.44 -7.38 9.97
N LEU B 113 11.65 -8.46 9.22
CA LEU B 113 12.76 -8.55 8.27
C LEU B 113 12.57 -7.60 7.08
N THR B 114 11.35 -7.59 6.53
CA THR B 114 11.02 -6.72 5.40
C THR B 114 11.30 -5.25 5.73
N SER B 115 10.91 -4.83 6.93
CA SER B 115 11.14 -3.47 7.40
C SER B 115 12.62 -3.15 7.54
N THR B 116 13.41 -4.15 7.95
CA THR B 116 14.85 -4.03 8.07
C THR B 116 15.52 -3.92 6.69
N ALA B 117 15.00 -4.67 5.72
CA ALA B 117 15.49 -4.65 4.34
C ALA B 117 15.14 -3.33 3.66
N ASN B 118 13.97 -2.78 4.01
CA ASN B 118 13.53 -1.45 3.60
C ASN B 118 13.84 -1.10 2.14
N THR B 119 13.16 -1.77 1.22
CA THR B 119 13.37 -1.55 -0.21
C THR B 119 12.07 -1.46 -1.02
N ASN B 120 12.19 -1.02 -2.28
CA ASN B 120 11.07 -0.93 -3.23
C ASN B 120 11.02 -2.17 -4.13
N MET B 121 9.81 -2.57 -4.52
CA MET B 121 9.62 -3.71 -5.42
C MET B 121 9.81 -3.40 -6.92
N PHE B 122 9.96 -2.13 -7.28
CA PHE B 122 9.87 -1.73 -8.70
C PHE B 122 10.96 -2.22 -9.66
N THR B 123 12.13 -2.59 -9.13
CA THR B 123 13.22 -3.12 -9.97
C THR B 123 13.91 -4.29 -9.31
N TYR B 124 14.44 -5.20 -10.13
CA TYR B 124 15.31 -6.29 -9.65
C TYR B 124 16.60 -5.71 -9.06
N GLU B 125 17.01 -4.57 -9.61
CA GLU B 125 18.23 -3.87 -9.18
C GLU B 125 18.35 -3.69 -7.67
N ILE B 126 17.26 -3.28 -7.01
CA ILE B 126 17.30 -3.04 -5.56
C ILE B 126 16.45 -4.01 -4.72
N ALA B 127 15.77 -4.95 -5.38
CA ALA B 127 15.01 -5.98 -4.67
C ALA B 127 15.15 -7.36 -5.34
N PRO B 128 16.40 -7.83 -5.53
CA PRO B 128 16.62 -9.04 -6.33
C PRO B 128 15.90 -10.29 -5.80
N VAL B 129 16.05 -10.55 -4.50
CA VAL B 129 15.45 -11.73 -3.87
C VAL B 129 13.93 -11.66 -3.88
N PHE B 130 13.40 -10.50 -3.46
CA PHE B 130 11.95 -10.31 -3.34
C PHE B 130 11.22 -10.38 -4.68
N VAL B 131 11.86 -9.88 -5.75
CA VAL B 131 11.30 -9.95 -7.11
C VAL B 131 11.14 -11.41 -7.55
N LEU B 132 12.14 -12.24 -7.26
CA LEU B 132 12.11 -13.65 -7.63
C LEU B 132 11.07 -14.42 -6.80
N MET B 133 11.02 -14.13 -5.50
CA MET B 133 10.01 -14.69 -4.62
C MET B 133 8.58 -14.40 -5.12
N GLU B 134 8.36 -13.17 -5.57
CA GLU B 134 7.06 -12.77 -6.13
C GLU B 134 6.73 -13.57 -7.38
N GLN B 135 7.71 -13.74 -8.26
CA GLN B 135 7.53 -14.50 -9.50
C GLN B 135 7.19 -15.97 -9.22
N ILE B 136 7.93 -16.57 -8.30
CA ILE B 136 7.72 -17.96 -7.88
C ILE B 136 6.32 -18.14 -7.26
N THR B 137 5.98 -17.24 -6.33
CA THR B 137 4.72 -17.32 -5.60
C THR B 137 3.50 -17.07 -6.48
N LEU B 138 3.57 -16.05 -7.34
CA LEU B 138 2.46 -15.77 -8.27
C LEU B 138 2.15 -16.93 -9.19
N LYS B 139 3.19 -17.57 -9.74
CA LYS B 139 2.95 -18.67 -10.65
C LYS B 139 2.34 -19.88 -9.93
N LYS B 140 2.77 -20.11 -8.69
CA LYS B 140 2.22 -21.15 -7.83
C LYS B 140 0.74 -20.90 -7.59
N MET B 141 0.37 -19.63 -7.36
CA MET B 141 -1.01 -19.25 -7.14
C MET B 141 -1.86 -19.51 -8.38
N ARG B 142 -1.28 -19.23 -9.55
CA ARG B 142 -1.95 -19.47 -10.83
C ARG B 142 -2.16 -20.96 -11.09
N GLU B 143 -1.22 -21.78 -10.62
CA GLU B 143 -1.35 -23.24 -10.70
C GLU B 143 -2.48 -23.73 -9.80
N ILE B 144 -2.57 -23.17 -8.60
CA ILE B 144 -3.64 -23.51 -7.66
C ILE B 144 -5.02 -23.07 -8.19
N VAL B 145 -5.06 -21.92 -8.87
CA VAL B 145 -6.28 -21.45 -9.54
C VAL B 145 -6.70 -22.42 -10.65
N GLY B 146 -5.74 -23.07 -11.27
CA GLY B 146 -6.02 -24.08 -12.30
C GLY B 146 -5.60 -23.66 -13.69
N TRP B 147 -4.86 -22.56 -13.79
CA TRP B 147 -4.35 -22.08 -15.08
C TRP B 147 -3.11 -22.87 -15.50
N SER B 148 -2.88 -22.92 -16.81
CA SER B 148 -1.74 -23.65 -17.37
C SER B 148 -0.52 -22.74 -17.48
N SER B 149 0.66 -23.36 -17.42
CA SER B 149 1.94 -22.64 -17.45
C SER B 149 2.23 -21.96 -18.79
N LYS B 150 1.43 -22.30 -19.80
CA LYS B 150 1.50 -21.69 -21.12
C LYS B 150 1.47 -20.15 -21.05
N ASP B 151 0.67 -19.62 -20.15
CA ASP B 151 0.52 -18.18 -20.01
C ASP B 151 0.48 -17.83 -18.52
N GLY B 152 0.39 -16.55 -18.20
CA GLY B 152 0.24 -16.14 -16.82
C GLY B 152 0.99 -14.88 -16.47
N ASP B 153 0.35 -14.08 -15.62
CA ASP B 153 0.90 -12.84 -15.15
C ASP B 153 0.26 -12.49 -13.81
N GLY B 154 0.76 -11.43 -13.19
CA GLY B 154 0.26 -11.01 -11.90
C GLY B 154 1.19 -10.03 -11.21
N ILE B 155 0.66 -9.39 -10.18
CA ILE B 155 1.42 -8.47 -9.34
C ILE B 155 0.69 -8.34 -8.01
N PHE B 156 1.45 -8.06 -6.95
CA PHE B 156 0.86 -7.73 -5.67
C PHE B 156 0.51 -6.23 -5.64
N SER B 157 -0.62 -5.93 -4.99
CA SER B 157 -1.12 -4.56 -4.91
C SER B 157 -1.51 -4.18 -3.47
N PRO B 158 -1.64 -2.87 -3.20
CA PRO B 158 -2.01 -2.41 -1.86
C PRO B 158 -3.51 -2.57 -1.55
N GLY B 159 -3.95 -3.82 -1.43
CA GLY B 159 -5.34 -4.12 -1.09
C GLY B 159 -6.11 -4.71 -2.26
N GLY B 160 -7.11 -5.52 -1.94
CA GLY B 160 -7.92 -6.21 -2.95
C GLY B 160 -8.82 -5.30 -3.75
N ALA B 161 -9.13 -4.13 -3.18
CA ALA B 161 -9.90 -3.10 -3.87
C ALA B 161 -9.12 -2.61 -5.07
N ILE B 162 -7.80 -2.52 -4.92
CA ILE B 162 -6.92 -2.07 -6.00
C ILE B 162 -6.61 -3.22 -6.96
N SER B 163 -6.57 -4.44 -6.45
CA SER B 163 -6.52 -5.63 -7.30
C SER B 163 -7.74 -5.68 -8.24
N ASN B 164 -8.92 -5.43 -7.68
CA ASN B 164 -10.16 -5.33 -8.50
C ASN B 164 -10.06 -4.23 -9.57
N MET B 165 -9.54 -3.07 -9.16
CA MET B 165 -9.27 -1.95 -10.08
C MET B 165 -8.36 -2.38 -11.24
N TYR B 166 -7.27 -3.08 -10.92
CA TYR B 166 -6.37 -3.67 -11.92
C TYR B 166 -7.12 -4.48 -12.97
N SER B 167 -8.03 -5.35 -12.53
CA SER B 167 -8.71 -6.28 -13.42
C SER B 167 -9.56 -5.53 -14.45
N ILE B 168 -10.25 -4.49 -14.01
CA ILE B 168 -11.08 -3.66 -14.87
C ILE B 168 -10.22 -2.90 -15.88
N MET B 169 -9.09 -2.37 -15.41
CA MET B 169 -8.12 -1.67 -16.27
C MET B 169 -7.55 -2.61 -17.34
N ALA B 170 -7.19 -3.81 -16.90
CA ALA B 170 -6.68 -4.85 -17.81
C ALA B 170 -7.74 -5.25 -18.85
N ALA B 171 -8.97 -5.49 -18.40
CA ALA B 171 -10.07 -5.86 -19.29
C ALA B 171 -10.35 -4.78 -20.34
N ARG B 172 -10.37 -3.53 -19.89
CA ARG B 172 -10.57 -2.38 -20.79
C ARG B 172 -9.43 -2.24 -21.81
N TYR B 173 -8.19 -2.51 -21.39
CA TYR B 173 -7.05 -2.44 -22.30
C TYR B 173 -7.05 -3.55 -23.35
N LYS B 174 -7.41 -4.78 -22.93
CA LYS B 174 -7.52 -5.92 -23.83
C LYS B 174 -8.49 -5.64 -24.98
N TYR B 175 -9.65 -5.07 -24.65
CA TYR B 175 -10.72 -4.86 -25.61
C TYR B 175 -10.68 -3.51 -26.32
N PHE B 176 -10.26 -2.47 -25.61
CA PHE B 176 -10.21 -1.11 -26.14
C PHE B 176 -8.91 -0.43 -25.78
N PRO B 177 -7.79 -0.85 -26.40
CA PRO B 177 -6.47 -0.34 -26.05
C PRO B 177 -6.28 1.14 -26.37
N GLU B 178 -7.17 1.69 -27.18
CA GLU B 178 -7.11 3.10 -27.58
C GLU B 178 -7.52 4.07 -26.47
N VAL B 179 -8.13 3.54 -25.41
CA VAL B 179 -8.52 4.35 -24.24
C VAL B 179 -7.30 4.96 -23.55
N LYS B 180 -6.18 4.26 -23.63
CA LYS B 180 -4.94 4.67 -22.97
C LYS B 180 -4.49 6.03 -23.48
N THR B 181 -4.45 6.18 -24.80
CA THR B 181 -4.04 7.43 -25.44
C THR B 181 -5.17 8.43 -25.61
N LYS B 182 -6.36 7.93 -25.96
CA LYS B 182 -7.47 8.80 -26.38
C LYS B 182 -8.53 9.10 -25.30
N GLY B 183 -8.63 8.22 -24.29
CA GLY B 183 -9.60 8.43 -23.22
C GLY B 183 -10.92 7.71 -23.44
N MET B 184 -11.76 7.71 -22.40
CA MET B 184 -13.07 7.04 -22.42
C MET B 184 -14.06 7.63 -23.41
N ALA B 185 -13.98 8.95 -23.63
CA ALA B 185 -14.85 9.62 -24.60
C ALA B 185 -14.60 9.21 -26.06
N ALA B 186 -13.54 8.46 -26.30
CA ALA B 186 -13.17 8.04 -27.66
C ALA B 186 -13.58 6.60 -28.00
N VAL B 187 -14.18 5.90 -27.05
CA VAL B 187 -14.64 4.52 -27.27
C VAL B 187 -16.14 4.43 -26.98
N PRO B 188 -16.79 3.32 -27.41
CA PRO B 188 -18.21 3.13 -27.10
C PRO B 188 -18.52 3.11 -25.59
N LYS B 189 -19.79 3.18 -25.25
CA LYS B 189 -20.22 3.10 -23.86
C LYS B 189 -19.95 1.70 -23.30
N LEU B 190 -18.97 1.62 -22.41
CA LEU B 190 -18.57 0.36 -21.78
C LEU B 190 -19.35 0.14 -20.49
N VAL B 191 -19.88 -1.07 -20.33
CA VAL B 191 -20.63 -1.42 -19.12
C VAL B 191 -20.05 -2.65 -18.40
N LEU B 192 -19.97 -2.57 -17.07
CA LEU B 192 -19.46 -3.63 -16.21
C LEU B 192 -20.62 -4.28 -15.48
N PHE B 193 -20.41 -5.51 -15.02
CA PHE B 193 -21.43 -6.25 -14.30
C PHE B 193 -20.82 -6.83 -13.03
N THR B 194 -21.59 -6.78 -11.96
CA THR B 194 -21.19 -7.33 -10.67
C THR B 194 -22.45 -7.66 -9.87
N SER B 195 -22.33 -8.54 -8.89
CA SER B 195 -23.43 -8.92 -8.01
C SER B 195 -23.93 -7.75 -7.16
N GLU B 196 -25.22 -7.80 -6.82
CA GLU B 196 -25.82 -6.88 -5.83
C GLU B 196 -25.13 -6.98 -4.48
N GLN B 197 -24.50 -8.12 -4.20
CA GLN B 197 -23.84 -8.37 -2.91
C GLN B 197 -22.31 -8.45 -3.03
N SER B 198 -21.79 -7.99 -4.17
CA SER B 198 -20.35 -7.93 -4.38
C SER B 198 -19.74 -6.74 -3.62
N HIS B 199 -18.41 -6.71 -3.54
CA HIS B 199 -17.70 -5.67 -2.81
C HIS B 199 -17.78 -4.34 -3.53
N TYR B 200 -17.92 -3.25 -2.75
CA TYR B 200 -18.13 -1.90 -3.29
C TYR B 200 -16.95 -1.35 -4.12
N SER B 201 -15.82 -2.04 -4.08
CA SER B 201 -14.64 -1.63 -4.84
C SER B 201 -14.85 -1.69 -6.35
N ILE B 202 -15.80 -2.48 -6.82
CA ILE B 202 -16.15 -2.51 -8.23
C ILE B 202 -16.79 -1.18 -8.68
N LYS B 203 -17.81 -0.72 -7.95
CA LYS B 203 -18.42 0.59 -8.18
C LYS B 203 -17.41 1.72 -8.04
N LYS B 204 -16.55 1.60 -7.04
CA LYS B 204 -15.53 2.60 -6.73
C LYS B 204 -14.55 2.73 -7.89
N ALA B 205 -14.09 1.59 -8.41
CA ALA B 205 -13.22 1.58 -9.57
C ALA B 205 -13.96 2.07 -10.81
N GLY B 206 -15.23 1.66 -10.96
CA GLY B 206 -16.09 2.17 -12.02
C GLY B 206 -16.10 3.68 -12.07
N ALA B 207 -16.33 4.31 -10.92
CA ALA B 207 -16.32 5.78 -10.82
C ALA B 207 -14.93 6.37 -11.10
N ALA B 208 -13.91 5.79 -10.48
CA ALA B 208 -12.54 6.30 -10.57
C ALA B 208 -11.97 6.24 -11.97
N LEU B 209 -12.26 5.13 -12.68
CA LEU B 209 -11.67 4.85 -13.99
C LEU B 209 -12.40 5.52 -15.17
N GLY B 210 -13.48 6.22 -14.88
CA GLY B 210 -14.18 7.02 -15.88
C GLY B 210 -15.34 6.33 -16.57
N PHE B 211 -15.80 5.20 -16.01
CA PHE B 211 -16.96 4.46 -16.53
C PHE B 211 -18.27 5.09 -16.08
N GLY B 212 -18.26 5.65 -14.87
CA GLY B 212 -19.48 6.12 -14.22
C GLY B 212 -20.19 4.99 -13.52
N THR B 213 -20.71 5.26 -12.32
CA THR B 213 -21.40 4.23 -11.54
C THR B 213 -22.72 3.79 -12.18
N ASP B 214 -23.31 4.64 -13.02
CA ASP B 214 -24.50 4.29 -13.79
C ASP B 214 -24.25 3.09 -14.70
N ASN B 215 -22.98 2.92 -15.08
CA ASN B 215 -22.58 1.88 -16.02
C ASN B 215 -21.93 0.68 -15.35
N VAL B 216 -22.07 0.61 -14.03
CA VAL B 216 -21.75 -0.59 -13.25
C VAL B 216 -23.09 -1.21 -12.87
N ILE B 217 -23.45 -2.29 -13.56
CA ILE B 217 -24.78 -2.87 -13.48
C ILE B 217 -24.80 -4.02 -12.46
N LEU B 218 -25.71 -3.92 -11.48
CA LEU B 218 -25.83 -4.93 -10.44
C LEU B 218 -26.73 -6.09 -10.85
N ILE B 219 -26.22 -7.31 -10.68
CA ILE B 219 -26.94 -8.53 -11.02
C ILE B 219 -27.69 -9.06 -9.81
N LYS B 220 -28.94 -9.48 -10.02
CA LYS B 220 -29.79 -10.01 -8.95
C LYS B 220 -29.24 -11.29 -8.33
N CYS B 221 -29.38 -11.40 -7.02
CA CYS B 221 -28.94 -12.55 -6.26
C CYS B 221 -30.13 -13.36 -5.76
N ASN B 222 -29.96 -14.68 -5.66
CA ASN B 222 -30.99 -15.53 -5.08
C ASN B 222 -30.98 -15.47 -3.54
N GLU B 223 -31.83 -16.28 -2.91
CA GLU B 223 -31.97 -16.33 -1.45
C GLU B 223 -30.63 -16.52 -0.73
N ARG B 224 -29.77 -17.34 -1.32
CA ARG B 224 -28.46 -17.67 -0.75
C ARG B 224 -27.36 -16.67 -1.09
N GLY B 225 -27.72 -15.56 -1.75
CA GLY B 225 -26.80 -14.48 -2.07
C GLY B 225 -25.89 -14.73 -3.25
N LYS B 226 -26.31 -15.65 -4.12
CA LYS B 226 -25.56 -15.99 -5.33
C LYS B 226 -26.14 -15.26 -6.53
N ILE B 227 -25.28 -14.87 -7.47
CA ILE B 227 -25.71 -14.33 -8.76
C ILE B 227 -26.66 -15.31 -9.45
N ILE B 228 -27.77 -14.79 -9.97
CA ILE B 228 -28.69 -15.56 -10.82
C ILE B 228 -28.26 -15.36 -12.29
N PRO B 229 -27.68 -16.41 -12.90
CA PRO B 229 -27.11 -16.30 -14.25
C PRO B 229 -28.08 -15.79 -15.32
N ALA B 230 -29.36 -16.17 -15.21
CA ALA B 230 -30.39 -15.74 -16.16
C ALA B 230 -30.56 -14.22 -16.16
N ASP B 231 -30.39 -13.60 -15.00
CA ASP B 231 -30.42 -12.13 -14.89
C ASP B 231 -29.17 -11.49 -15.49
N PHE B 232 -28.04 -12.17 -15.37
CA PHE B 232 -26.78 -11.71 -15.95
C PHE B 232 -26.85 -11.65 -17.48
N GLU B 233 -27.32 -12.74 -18.10
CA GLU B 233 -27.51 -12.77 -19.55
C GLU B 233 -28.54 -11.75 -20.02
N ALA B 234 -29.61 -11.58 -19.25
CA ALA B 234 -30.65 -10.60 -19.58
C ALA B 234 -30.12 -9.16 -19.54
N LYS B 235 -29.25 -8.86 -18.57
CA LYS B 235 -28.65 -7.54 -18.44
C LYS B 235 -27.69 -7.25 -19.59
N ILE B 236 -26.97 -8.28 -20.04
CA ILE B 236 -26.08 -8.19 -21.21
C ILE B 236 -26.89 -7.79 -22.45
N LEU B 237 -27.92 -8.57 -22.75
CA LEU B 237 -28.82 -8.33 -23.88
C LEU B 237 -29.40 -6.92 -23.87
N GLU B 238 -29.86 -6.51 -22.70
CA GLU B 238 -30.41 -5.18 -22.48
C GLU B 238 -29.38 -4.08 -22.80
N ALA B 239 -28.11 -4.33 -22.47
CA ALA B 239 -27.04 -3.36 -22.71
C ALA B 239 -26.74 -3.16 -24.19
N LYS B 240 -26.63 -4.26 -24.92
CA LYS B 240 -26.29 -4.17 -26.34
C LYS B 240 -27.49 -3.85 -27.24
N GLN B 241 -28.69 -4.03 -26.71
CA GLN B 241 -29.90 -3.61 -27.42
C GLN B 241 -29.95 -2.09 -27.52
N LYS B 242 -29.39 -1.41 -26.51
CA LYS B 242 -29.33 0.05 -26.53
C LYS B 242 -27.98 0.61 -27.00
N GLY B 243 -27.18 -0.26 -27.60
CA GLY B 243 -25.94 0.15 -28.25
C GLY B 243 -24.70 0.25 -27.37
N TYR B 244 -24.83 -0.18 -26.12
CA TYR B 244 -23.69 -0.20 -25.19
C TYR B 244 -22.88 -1.49 -25.38
N VAL B 245 -21.66 -1.49 -24.87
CA VAL B 245 -20.77 -2.63 -25.01
C VAL B 245 -20.44 -3.27 -23.65
N PRO B 246 -21.02 -4.45 -23.37
CA PRO B 246 -20.66 -5.26 -22.21
C PRO B 246 -19.29 -5.90 -22.41
N PHE B 247 -18.39 -5.75 -21.44
CA PHE B 247 -17.02 -6.21 -21.64
C PHE B 247 -16.44 -6.90 -20.42
N TYR B 248 -17.14 -6.84 -19.29
CA TYR B 248 -16.57 -7.26 -18.01
C TYR B 248 -17.63 -7.67 -16.99
N VAL B 249 -17.38 -8.78 -16.32
CA VAL B 249 -18.19 -9.21 -15.18
C VAL B 249 -17.28 -9.54 -14.01
N ASN B 250 -17.76 -9.22 -12.80
CA ASN B 250 -17.09 -9.63 -11.58
C ASN B 250 -17.91 -10.69 -10.87
N ALA B 251 -17.31 -11.87 -10.67
CA ALA B 251 -17.95 -12.94 -9.91
C ALA B 251 -17.26 -13.14 -8.55
N THR B 252 -18.07 -13.19 -7.49
CA THR B 252 -17.60 -13.40 -6.11
C THR B 252 -18.26 -14.70 -5.61
N ALA B 253 -17.56 -15.79 -5.27
CA ALA B 253 -16.13 -15.94 -4.97
C ALA B 253 -15.87 -15.80 -3.47
N GLY B 254 -16.96 -15.70 -2.70
CA GLY B 254 -16.89 -15.47 -1.27
C GLY B 254 -17.22 -14.04 -0.94
N THR B 255 -18.51 -13.74 -0.79
CA THR B 255 -18.97 -12.37 -0.53
C THR B 255 -18.65 -11.95 0.89
N THR B 256 -18.56 -10.64 1.11
CA THR B 256 -18.09 -10.08 2.38
C THR B 256 -19.07 -10.36 3.53
N VAL B 257 -20.36 -10.34 3.24
CA VAL B 257 -21.38 -10.54 4.26
C VAL B 257 -21.85 -12.01 4.35
N TYR B 258 -22.52 -12.51 3.32
CA TYR B 258 -23.03 -13.90 3.32
C TYR B 258 -21.94 -14.97 3.23
N GLY B 259 -20.83 -14.64 2.56
CA GLY B 259 -19.78 -15.61 2.28
C GLY B 259 -20.22 -16.55 1.17
N ALA B 260 -21.11 -16.04 0.32
CA ALA B 260 -21.67 -16.78 -0.81
C ALA B 260 -20.67 -16.87 -1.95
N PHE B 261 -20.84 -17.90 -2.79
CA PHE B 261 -20.02 -18.06 -3.98
C PHE B 261 -20.89 -18.00 -5.24
N ASP B 262 -20.58 -17.04 -6.12
CA ASP B 262 -21.25 -16.92 -7.41
C ASP B 262 -20.98 -18.17 -8.26
N PRO B 263 -21.96 -18.60 -9.09
CA PRO B 263 -21.80 -19.82 -9.89
C PRO B 263 -20.89 -19.57 -11.09
N ILE B 264 -19.58 -19.69 -10.87
CA ILE B 264 -18.56 -19.26 -11.83
C ILE B 264 -18.68 -19.96 -13.18
N GLN B 265 -18.96 -21.26 -13.15
CA GLN B 265 -19.03 -22.07 -14.35
C GLN B 265 -20.15 -21.62 -15.29
N GLU B 266 -21.34 -21.35 -14.73
CA GLU B 266 -22.47 -20.82 -15.48
C GLU B 266 -22.19 -19.42 -16.01
N ILE B 267 -21.53 -18.59 -15.18
CA ILE B 267 -21.15 -17.23 -15.55
C ILE B 267 -20.11 -17.27 -16.68
N ALA B 268 -19.17 -18.19 -16.58
CA ALA B 268 -18.13 -18.39 -17.60
C ALA B 268 -18.71 -18.77 -18.95
N ASP B 269 -19.74 -19.63 -18.95
CA ASP B 269 -20.45 -20.02 -20.17
C ASP B 269 -21.07 -18.81 -20.87
N ILE B 270 -21.72 -17.96 -20.08
CA ILE B 270 -22.29 -16.73 -20.59
C ILE B 270 -21.18 -15.78 -21.10
N CYS B 271 -20.06 -15.73 -20.39
CA CYS B 271 -18.92 -14.89 -20.80
C CYS B 271 -18.31 -15.34 -22.12
N GLU B 272 -18.18 -16.66 -22.28
CA GLU B 272 -17.64 -17.25 -23.50
C GLU B 272 -18.56 -16.95 -24.68
N LYS B 273 -19.86 -17.07 -24.46
CA LYS B 273 -20.87 -16.81 -25.49
C LYS B 273 -20.86 -15.36 -25.96
N TYR B 274 -20.77 -14.41 -25.03
CA TYR B 274 -20.88 -12.99 -25.37
C TYR B 274 -19.54 -12.25 -25.43
N ASN B 275 -18.45 -12.99 -25.27
CA ASN B 275 -17.08 -12.43 -25.25
C ASN B 275 -16.91 -11.35 -24.17
N LEU B 276 -17.08 -11.75 -22.92
CA LEU B 276 -16.87 -10.87 -21.79
C LEU B 276 -15.67 -11.32 -20.97
N TRP B 277 -14.92 -10.36 -20.46
CA TRP B 277 -13.83 -10.63 -19.54
C TRP B 277 -14.42 -11.11 -18.21
N LEU B 278 -13.94 -12.26 -17.74
CA LEU B 278 -14.42 -12.81 -16.49
C LEU B 278 -13.41 -12.58 -15.38
N HIS B 279 -13.80 -11.80 -14.39
CA HIS B 279 -12.96 -11.58 -13.23
C HIS B 279 -13.59 -12.27 -12.02
N VAL B 280 -12.76 -12.97 -11.25
CA VAL B 280 -13.23 -13.60 -10.03
C VAL B 280 -12.62 -12.88 -8.82
N ASP B 281 -13.48 -12.27 -8.02
CA ASP B 281 -13.05 -11.65 -6.77
C ASP B 281 -13.02 -12.69 -5.65
N ALA B 282 -11.87 -13.34 -5.51
CA ALA B 282 -11.65 -14.33 -4.46
C ALA B 282 -10.81 -13.75 -3.31
N ALA B 283 -10.93 -12.45 -3.09
CA ALA B 283 -10.24 -11.79 -1.96
C ALA B 283 -10.49 -12.52 -0.64
N TRP B 284 -11.74 -12.89 -0.40
CA TRP B 284 -12.15 -13.58 0.84
C TRP B 284 -12.19 -15.11 0.65
N GLY B 285 -12.78 -15.56 -0.47
CA GLY B 285 -12.95 -17.00 -0.70
C GLY B 285 -11.74 -17.72 -1.27
N GLY B 286 -10.71 -16.96 -1.66
CA GLY B 286 -9.50 -17.51 -2.27
C GLY B 286 -8.70 -18.44 -1.37
N GLY B 287 -8.81 -18.25 -0.06
CA GLY B 287 -8.17 -19.13 0.91
C GLY B 287 -8.62 -20.57 0.77
N LEU B 288 -9.86 -20.76 0.33
CA LEU B 288 -10.46 -22.09 0.20
C LEU B 288 -9.85 -22.92 -0.94
N LEU B 289 -9.12 -22.25 -1.84
CA LEU B 289 -8.37 -22.94 -2.89
C LEU B 289 -7.27 -23.82 -2.31
N MET B 290 -6.81 -23.48 -1.11
CA MET B 290 -5.77 -24.26 -0.39
C MET B 290 -6.30 -25.56 0.21
N SER B 291 -7.62 -25.71 0.23
CA SER B 291 -8.26 -26.89 0.83
C SER B 291 -8.84 -27.82 -0.23
N ARG B 292 -8.36 -29.07 -0.24
CA ARG B 292 -8.92 -30.12 -1.11
C ARG B 292 -10.40 -30.36 -0.85
N LYS B 293 -10.81 -30.26 0.42
CA LYS B 293 -12.19 -30.45 0.83
C LYS B 293 -13.12 -29.33 0.34
N HIS B 294 -12.62 -28.09 0.32
CA HIS B 294 -13.46 -26.92 0.06
C HIS B 294 -13.24 -26.19 -1.28
N ARG B 295 -12.18 -26.52 -2.01
CA ARG B 295 -11.83 -25.78 -3.24
C ARG B 295 -12.89 -25.85 -4.35
N HIS B 296 -13.78 -26.84 -4.27
CA HIS B 296 -14.84 -27.03 -5.26
C HIS B 296 -15.82 -25.86 -5.31
N LYS B 297 -15.87 -25.07 -4.24
CA LYS B 297 -16.73 -23.88 -4.19
C LYS B 297 -16.28 -22.83 -5.22
N LEU B 298 -15.04 -22.95 -5.69
CA LEU B 298 -14.48 -22.05 -6.69
C LEU B 298 -14.35 -22.70 -8.08
N ASN B 299 -14.98 -23.85 -8.29
CA ASN B 299 -15.01 -24.52 -9.60
C ASN B 299 -15.42 -23.58 -10.74
N GLY B 300 -14.61 -23.57 -11.79
CA GLY B 300 -14.83 -22.66 -12.91
C GLY B 300 -13.81 -21.52 -12.94
N ILE B 301 -13.15 -21.30 -11.81
CA ILE B 301 -12.17 -20.22 -11.67
C ILE B 301 -11.02 -20.35 -12.67
N GLU B 302 -10.76 -21.59 -13.12
CA GLU B 302 -9.71 -21.86 -14.10
C GLU B 302 -10.04 -21.25 -15.47
N ARG B 303 -11.28 -20.82 -15.63
CA ARG B 303 -11.75 -20.17 -16.85
C ARG B 303 -11.76 -18.64 -16.74
N ALA B 304 -11.43 -18.13 -15.57
CA ALA B 304 -11.36 -16.67 -15.35
C ALA B 304 -10.21 -16.05 -16.14
N ASN B 305 -10.41 -14.81 -16.56
CA ASN B 305 -9.34 -14.03 -17.18
C ASN B 305 -8.46 -13.34 -16.14
N SER B 306 -9.03 -13.10 -14.97
CA SER B 306 -8.29 -12.52 -13.84
C SER B 306 -8.89 -12.98 -12.51
N VAL B 307 -8.05 -12.97 -11.47
CA VAL B 307 -8.45 -13.36 -10.12
C VAL B 307 -7.83 -12.42 -9.08
N THR B 308 -8.65 -11.90 -8.18
CA THR B 308 -8.17 -11.20 -6.99
C THR B 308 -8.16 -12.19 -5.83
N TRP B 309 -7.05 -12.23 -5.10
CA TRP B 309 -6.88 -13.19 -4.00
C TRP B 309 -6.09 -12.47 -2.90
N ASN B 310 -6.67 -12.42 -1.69
CA ASN B 310 -6.04 -11.78 -0.54
C ASN B 310 -5.53 -12.80 0.48
N PRO B 311 -4.25 -13.18 0.40
CA PRO B 311 -3.64 -13.96 1.48
C PRO B 311 -3.80 -13.34 2.88
N HIS B 312 -3.92 -12.01 2.95
CA HIS B 312 -4.08 -11.36 4.26
C HIS B 312 -5.45 -11.56 4.92
N MET B 314 -8.13 -14.96 4.61
CA MET B 314 -8.24 -16.32 5.15
C MET B 314 -6.92 -17.02 5.51
N MET B 315 -5.88 -16.78 4.71
CA MET B 315 -4.59 -17.41 4.95
C MET B 315 -3.83 -16.74 6.10
N GLY B 316 -4.39 -15.63 6.58
CA GLY B 316 -3.89 -14.98 7.78
C GLY B 316 -2.53 -14.36 7.66
N VAL B 317 -2.14 -13.96 6.45
CA VAL B 317 -0.92 -13.20 6.26
C VAL B 317 -1.19 -11.79 6.79
N LEU B 318 -0.17 -11.18 7.39
CA LEU B 318 -0.31 -9.83 7.92
C LEU B 318 -0.58 -8.80 6.82
N LEU B 319 -1.47 -7.87 7.13
CA LEU B 319 -1.79 -6.69 6.31
C LEU B 319 -0.55 -5.98 5.77
N GLN B 320 -0.49 -5.61 4.48
CA GLN B 320 -1.41 -6.03 3.44
C GLN B 320 -0.74 -7.10 2.59
N CYS B 321 -1.56 -7.96 1.98
CA CYS B 321 -1.06 -8.97 1.04
C CYS B 321 -2.19 -9.33 0.08
N SER B 322 -2.14 -8.75 -1.12
CA SER B 322 -3.19 -8.92 -2.11
C SER B 322 -2.58 -9.04 -3.49
N ALA B 323 -3.02 -10.06 -4.23
CA ALA B 323 -2.54 -10.30 -5.59
C ALA B 323 -3.66 -10.16 -6.60
N ILE B 324 -3.31 -9.62 -7.76
CA ILE B 324 -4.14 -9.76 -8.95
C ILE B 324 -3.43 -10.75 -9.88
N LEU B 325 -4.17 -11.78 -10.29
CA LEU B 325 -3.65 -12.78 -11.20
C LEU B 325 -4.35 -12.59 -12.54
N VAL B 326 -3.58 -12.60 -13.62
CA VAL B 326 -4.10 -12.37 -14.97
C VAL B 326 -3.65 -13.52 -15.88
N LYS B 327 -4.61 -14.14 -16.55
CA LYS B 327 -4.35 -15.35 -17.35
C LYS B 327 -3.38 -15.09 -18.50
N GLU B 328 -3.63 -14.03 -19.24
CA GLU B 328 -2.82 -13.67 -20.39
C GLU B 328 -1.73 -12.66 -19.99
N LYS B 329 -0.49 -13.01 -20.29
CA LYS B 329 0.66 -12.16 -20.00
C LYS B 329 0.76 -11.02 -21.01
N GLY B 330 1.25 -9.87 -20.56
CA GLY B 330 1.46 -8.71 -21.43
C GLY B 330 0.36 -7.68 -21.37
N ILE B 331 -0.80 -8.06 -20.83
CA ILE B 331 -1.92 -7.13 -20.70
C ILE B 331 -1.63 -6.03 -19.66
N LEU B 332 -1.17 -6.43 -18.49
CA LEU B 332 -0.79 -5.48 -17.43
C LEU B 332 0.32 -4.52 -17.88
N GLN B 333 1.34 -5.07 -18.54
CA GLN B 333 2.45 -4.28 -19.09
C GLN B 333 1.97 -3.27 -20.13
N GLY B 334 1.21 -3.75 -21.10
CA GLY B 334 0.66 -2.89 -22.15
C GLY B 334 -0.23 -1.79 -21.61
N CYS B 335 -1.09 -2.16 -20.66
CA CYS B 335 -2.03 -1.24 -20.03
C CYS B 335 -1.33 -0.11 -19.25
N ASN B 336 -0.29 -0.45 -18.50
CA ASN B 336 0.27 0.45 -17.49
C ASN B 336 1.59 1.15 -17.83
N GLN B 337 2.37 0.58 -18.73
CA GLN B 337 3.72 1.10 -19.02
C GLN B 337 3.74 2.58 -19.45
N MET B 338 4.74 3.30 -18.94
CA MET B 338 5.03 4.67 -19.39
C MET B 338 6.47 4.79 -19.88
N CYS B 339 7.27 3.76 -19.63
CA CYS B 339 8.66 3.65 -20.11
C CYS B 339 9.49 4.87 -19.72
N ALA B 340 9.29 5.31 -18.48
CA ALA B 340 9.90 6.55 -18.00
C ALA B 340 11.40 6.43 -17.78
N GLY B 341 12.11 7.49 -18.20
CA GLY B 341 13.54 7.67 -17.94
C GLY B 341 14.40 6.43 -17.97
N TYR B 342 15.12 6.13 -16.88
CA TYR B 342 15.07 6.81 -15.57
C TYR B 342 14.72 5.81 -14.45
N LEU B 343 13.74 4.95 -14.71
CA LEU B 343 13.42 3.85 -13.81
C LEU B 343 13.44 2.53 -14.58
N PHE B 344 13.00 2.59 -15.85
CA PHE B 344 13.12 1.48 -16.81
C PHE B 344 13.17 2.11 -18.21
N GLN B 345 14.34 2.31 -18.82
CA GLN B 345 15.70 1.79 -18.50
C GLN B 345 15.98 0.41 -19.09
N PRO B 346 16.21 0.36 -20.42
CA PRO B 346 16.42 -0.88 -21.17
C PRO B 346 17.88 -1.34 -21.28
N ASP B 347 18.82 -0.43 -21.04
CA ASP B 347 20.24 -0.75 -21.22
C ASP B 347 20.97 -1.20 -19.95
N LYS B 348 20.22 -1.70 -18.98
CA LYS B 348 20.81 -2.34 -17.79
C LYS B 348 21.51 -3.64 -18.19
N GLN B 349 22.47 -4.07 -17.38
CA GLN B 349 23.21 -5.31 -17.66
C GLN B 349 22.40 -6.60 -17.48
N TYR B 350 21.23 -6.51 -16.85
CA TYR B 350 20.34 -7.66 -16.67
C TYR B 350 19.02 -7.50 -17.43
N ASP B 351 18.29 -8.61 -17.55
CA ASP B 351 16.98 -8.67 -18.20
C ASP B 351 15.95 -7.77 -17.51
N VAL B 352 15.62 -6.66 -18.15
CA VAL B 352 14.76 -5.63 -17.55
C VAL B 352 13.29 -6.02 -17.42
N SER B 353 12.93 -7.19 -17.95
CA SER B 353 11.59 -7.75 -17.77
C SER B 353 11.37 -8.18 -16.31
N TYR B 354 12.45 -8.20 -15.54
CA TYR B 354 12.40 -8.40 -14.09
C TYR B 354 12.13 -7.10 -13.32
N ASP B 355 12.31 -5.96 -14.00
CA ASP B 355 11.81 -4.69 -13.47
C ASP B 355 10.31 -4.64 -13.73
N THR B 356 9.56 -5.08 -12.72
CA THR B 356 8.14 -5.34 -12.81
C THR B 356 7.34 -4.05 -12.63
N GLY B 357 8.04 -3.01 -12.18
CA GLY B 357 7.40 -1.75 -11.80
C GLY B 357 6.50 -1.08 -12.80
N ASP B 358 6.80 -1.22 -14.09
CA ASP B 358 6.06 -0.48 -15.12
C ASP B 358 4.68 -1.06 -15.47
N LYS B 359 4.38 -2.26 -14.97
CA LYS B 359 3.06 -2.87 -15.17
C LYS B 359 2.11 -2.57 -13.99
N ALA B 360 2.64 -1.88 -12.99
CA ALA B 360 1.88 -1.48 -11.82
C ALA B 360 1.26 -0.10 -12.02
N ILE B 361 0.24 0.20 -11.23
CA ILE B 361 -0.31 1.56 -11.18
C ILE B 361 0.49 2.40 -10.19
N GLN B 362 1.15 1.74 -9.24
CA GLN B 362 2.04 2.38 -8.31
C GLN B 362 3.39 2.68 -8.97
N CYS B 363 4.14 3.60 -8.37
CA CYS B 363 5.54 3.75 -8.69
C CYS B 363 6.32 2.95 -7.64
N GLY B 364 6.63 3.59 -6.51
CA GLY B 364 7.16 2.86 -5.35
C GLY B 364 6.15 1.85 -4.83
N ARG B 365 6.63 0.68 -4.44
CA ARG B 365 5.75 -0.40 -3.95
C ARG B 365 6.39 -1.13 -2.78
N HIS B 366 5.63 -1.24 -1.70
CA HIS B 366 6.07 -1.93 -0.49
C HIS B 366 6.22 -3.42 -0.74
N VAL B 367 7.25 -4.02 -0.13
CA VAL B 367 7.47 -5.46 -0.21
C VAL B 367 6.46 -6.19 0.68
N ASP B 368 5.49 -6.84 0.05
CA ASP B 368 4.49 -7.63 0.77
C ASP B 368 4.77 -9.13 0.64
N ILE B 369 5.74 -9.50 -0.18
CA ILE B 369 5.95 -10.89 -0.56
C ILE B 369 6.65 -11.75 0.49
N PHE B 370 7.66 -11.20 1.17
CA PHE B 370 8.48 -12.03 2.04
C PHE B 370 7.67 -12.70 3.15
N LYS B 371 6.84 -11.91 3.83
CA LYS B 371 6.02 -12.41 4.93
C LYS B 371 5.14 -13.59 4.47
N PHE B 372 4.61 -13.50 3.25
CA PHE B 372 3.74 -14.52 2.67
C PHE B 372 4.55 -15.75 2.25
N TRP B 373 5.63 -15.52 1.50
CA TRP B 373 6.54 -16.57 1.08
C TRP B 373 7.07 -17.37 2.29
N LEU B 374 7.53 -16.66 3.32
CA LEU B 374 8.07 -17.29 4.52
C LEU B 374 7.04 -18.16 5.24
N MET B 375 5.80 -17.64 5.33
CA MET B 375 4.70 -18.39 5.93
C MET B 375 4.42 -19.68 5.18
N TRP B 376 4.45 -19.60 3.84
CA TRP B 376 4.23 -20.76 2.98
C TRP B 376 5.33 -21.80 3.18
N LYS B 377 6.57 -21.34 3.33
CA LYS B 377 7.71 -22.22 3.65
C LYS B 377 7.54 -22.86 5.02
N ALA B 378 7.06 -22.08 5.98
CA ALA B 378 6.92 -22.53 7.37
C ALA B 378 5.72 -23.46 7.58
N LYS B 379 4.69 -23.30 6.77
CA LYS B 379 3.47 -24.08 6.93
C LYS B 379 3.37 -25.21 5.91
N GLY B 380 3.86 -24.96 4.69
CA GLY B 380 3.56 -25.81 3.55
C GLY B 380 2.11 -25.61 3.14
N THR B 381 1.77 -26.02 1.93
CA THR B 381 0.39 -25.97 1.47
C THR B 381 -0.55 -26.70 2.43
N VAL B 382 -0.08 -27.82 2.98
CA VAL B 382 -0.85 -28.63 3.94
C VAL B 382 -1.15 -27.84 5.21
N GLY B 383 -0.19 -27.01 5.64
CA GLY B 383 -0.38 -26.14 6.81
C GLY B 383 -1.55 -25.18 6.64
N PHE B 384 -1.60 -24.48 5.52
CA PHE B 384 -2.73 -23.61 5.19
C PHE B 384 -4.03 -24.41 5.10
N GLU B 385 -3.99 -25.57 4.46
CA GLU B 385 -5.16 -26.43 4.29
C GLU B 385 -5.80 -26.82 5.62
N ASN B 386 -4.99 -27.28 6.56
CA ASN B 386 -5.48 -27.71 7.87
C ASN B 386 -6.06 -26.57 8.67
N GLN B 387 -5.40 -25.41 8.56
CA GLN B 387 -5.84 -24.19 9.22
C GLN B 387 -7.18 -23.72 8.67
N ILE B 388 -7.32 -23.70 7.35
CA ILE B 388 -8.58 -23.28 6.70
C ILE B 388 -9.71 -24.24 7.06
N ASN B 389 -9.41 -25.54 7.03
CA ASN B 389 -10.41 -26.58 7.34
C ASN B 389 -11.01 -26.48 8.72
N LYS B 390 -10.18 -26.20 9.72
CA LYS B 390 -10.67 -26.10 11.10
C LYS B 390 -11.50 -24.83 11.32
N CYS B 391 -11.11 -23.73 10.66
CA CYS B 391 -11.90 -22.48 10.66
C CYS B 391 -13.30 -22.73 10.10
N LEU B 392 -13.36 -23.44 8.98
CA LEU B 392 -14.63 -23.77 8.34
C LEU B 392 -15.41 -24.79 9.17
N GLU B 393 -14.70 -25.70 9.82
CA GLU B 393 -15.28 -26.69 10.71
C GLU B 393 -15.97 -26.03 11.90
N LEU B 394 -15.32 -25.07 12.54
CA LEU B 394 -15.93 -24.41 13.69
C LEU B 394 -16.97 -23.35 13.32
N ALA B 395 -17.00 -22.96 12.04
CA ALA B 395 -18.10 -22.19 11.49
C ALA B 395 -19.35 -23.05 11.30
N GLU B 396 -19.14 -24.30 10.87
CA GLU B 396 -20.22 -25.30 10.81
C GLU B 396 -20.78 -25.56 12.20
N TYR B 397 -19.87 -25.68 13.17
CA TYR B 397 -20.22 -25.87 14.58
C TYR B 397 -21.11 -24.76 15.09
N LEU B 398 -20.72 -23.52 14.82
CA LEU B 398 -21.48 -22.33 15.19
C LEU B 398 -22.86 -22.38 14.58
N TYR B 399 -22.91 -22.56 13.26
CA TYR B 399 -24.17 -22.60 12.53
C TYR B 399 -25.15 -23.62 13.13
N ALA B 400 -24.65 -24.83 13.36
CA ALA B 400 -25.44 -25.91 13.95
C ALA B 400 -25.94 -25.60 15.38
N LYS B 401 -25.13 -24.85 16.12
CA LYS B 401 -25.46 -24.50 17.51
C LYS B 401 -26.65 -23.54 17.64
N ILE B 402 -26.76 -22.61 16.69
CA ILE B 402 -27.77 -21.55 16.78
C ILE B 402 -28.92 -21.75 15.79
N LYS B 403 -28.73 -22.71 14.89
CA LYS B 403 -29.68 -23.03 13.81
C LYS B 403 -31.14 -23.18 14.25
N ASN B 404 -31.35 -23.89 15.36
CA ASN B 404 -32.71 -24.17 15.84
C ASN B 404 -32.96 -23.67 17.27
N ARG B 405 -32.54 -22.44 17.56
CA ARG B 405 -32.75 -21.82 18.86
C ARG B 405 -33.70 -20.64 18.76
N GLU B 406 -34.55 -20.48 19.77
CA GLU B 406 -35.53 -19.39 19.81
C GLU B 406 -34.88 -18.01 19.93
N GLU B 407 -33.71 -17.98 20.55
CA GLU B 407 -32.97 -16.74 20.79
C GLU B 407 -32.37 -16.15 19.51
N PHE B 408 -32.16 -17.01 18.50
CA PHE B 408 -31.50 -16.61 17.27
C PHE B 408 -32.35 -16.86 16.04
N GLU B 409 -32.16 -16.01 15.04
CA GLU B 409 -32.86 -16.14 13.77
C GLU B 409 -31.85 -15.99 12.65
N MET B 410 -31.82 -16.98 11.75
CA MET B 410 -30.92 -16.96 10.60
C MET B 410 -31.40 -15.95 9.58
N VAL B 411 -30.45 -15.20 9.00
CA VAL B 411 -30.77 -14.13 8.06
C VAL B 411 -31.30 -14.68 6.74
N PHE B 412 -30.74 -15.81 6.30
CA PHE B 412 -31.17 -16.45 5.07
C PHE B 412 -31.21 -17.98 5.22
N ASN B 413 -32.03 -18.63 4.41
CA ASN B 413 -32.14 -20.09 4.43
C ASN B 413 -31.04 -20.71 3.57
N GLY B 414 -30.16 -21.46 4.22
CA GLY B 414 -29.05 -22.13 3.55
C GLY B 414 -27.84 -22.29 4.45
N GLU B 415 -27.07 -23.35 4.20
CA GLU B 415 -25.83 -23.59 4.93
C GLU B 415 -24.75 -22.62 4.45
N PRO B 416 -24.01 -22.01 5.39
CA PRO B 416 -22.90 -21.13 5.04
C PRO B 416 -21.85 -21.82 4.17
N GLU B 417 -21.42 -21.14 3.12
CA GLU B 417 -20.41 -21.67 2.20
C GLU B 417 -19.01 -21.31 2.66
N HIS B 418 -18.91 -20.28 3.49
CA HIS B 418 -17.64 -19.82 4.04
C HIS B 418 -17.71 -19.88 5.57
N THR B 419 -16.92 -19.05 6.25
CA THR B 419 -16.97 -18.99 7.71
C THR B 419 -17.96 -17.93 8.21
N ASN B 420 -18.56 -17.18 7.28
CA ASN B 420 -19.60 -16.21 7.59
C ASN B 420 -20.85 -16.89 8.11
N VAL B 421 -21.32 -16.46 9.29
CA VAL B 421 -22.58 -16.91 9.85
C VAL B 421 -23.41 -15.67 10.20
N CYS B 422 -24.50 -15.46 9.45
CA CYS B 422 -25.31 -14.26 9.57
C CYS B 422 -26.61 -14.51 10.32
N PHE B 423 -26.79 -13.81 11.43
CA PHE B 423 -27.90 -14.06 12.35
C PHE B 423 -28.32 -12.84 13.16
N TRP B 424 -29.59 -12.82 13.57
CA TRP B 424 -30.09 -11.85 14.53
C TRP B 424 -30.14 -12.51 15.91
N TYR B 425 -29.91 -11.71 16.96
CA TYR B 425 -30.36 -12.10 18.29
C TYR B 425 -31.74 -11.51 18.49
N ILE B 426 -32.67 -12.38 18.85
CA ILE B 426 -34.05 -11.99 19.11
C ILE B 426 -34.26 -11.86 20.61
N PRO B 427 -34.51 -10.62 21.09
CA PRO B 427 -34.80 -10.42 22.51
C PRO B 427 -36.16 -11.04 22.87
N GLN B 428 -36.30 -11.47 24.13
CA GLN B 428 -37.53 -12.10 24.63
C GLN B 428 -38.81 -11.39 24.20
N SER B 429 -38.81 -10.06 24.24
CA SER B 429 -39.99 -9.26 23.91
C SER B 429 -40.41 -9.36 22.44
N LEU B 430 -39.51 -9.83 21.58
CA LEU B 430 -39.80 -9.92 20.15
C LEU B 430 -40.11 -11.34 19.68
N ARG B 431 -39.83 -12.34 20.52
CA ARG B 431 -40.03 -13.74 20.14
C ARG B 431 -41.51 -14.07 19.90
N GLY B 432 -41.85 -14.36 18.64
CA GLY B 432 -43.22 -14.64 18.23
C GLY B 432 -44.14 -13.43 18.29
N VAL B 433 -44.03 -12.52 17.32
CA VAL B 433 -44.80 -11.26 17.34
C VAL B 433 -46.01 -11.17 16.38
N PRO B 434 -45.85 -11.51 15.09
CA PRO B 434 -44.71 -11.97 14.29
C PRO B 434 -44.07 -10.86 13.44
N ASP B 435 -43.55 -11.23 12.27
CA ASP B 435 -42.81 -10.33 11.39
C ASP B 435 -43.64 -9.15 10.87
N SER B 436 -43.17 -7.94 11.19
CA SER B 436 -43.83 -6.69 10.80
C SER B 436 -42.79 -5.58 10.60
N PRO B 437 -43.13 -4.55 9.80
CA PRO B 437 -42.27 -3.37 9.69
C PRO B 437 -41.98 -2.67 11.02
N GLN B 438 -42.90 -2.79 11.97
CA GLN B 438 -42.72 -2.28 13.33
C GLN B 438 -41.74 -3.15 14.11
N ARG B 439 -41.79 -4.45 13.88
CA ARG B 439 -40.86 -5.41 14.49
C ARG B 439 -39.43 -5.25 13.97
N ARG B 440 -39.30 -4.95 12.68
CA ARG B 440 -37.99 -4.78 12.05
C ARG B 440 -37.26 -3.54 12.55
N GLU B 441 -38.02 -2.47 12.81
CA GLU B 441 -37.45 -1.22 13.31
C GLU B 441 -36.92 -1.37 14.74
N LYS B 442 -37.57 -2.22 15.52
CA LYS B 442 -37.13 -2.52 16.89
C LYS B 442 -35.93 -3.46 16.86
N LEU B 443 -35.95 -4.41 15.93
CA LEU B 443 -34.89 -5.40 15.79
C LEU B 443 -33.58 -4.76 15.32
N HIS B 444 -33.73 -3.76 14.44
CA HIS B 444 -32.62 -2.98 13.90
C HIS B 444 -31.70 -2.41 14.98
N LYS B 445 -32.28 -2.02 16.11
CA LYS B 445 -31.55 -1.35 17.19
C LYS B 445 -30.81 -2.32 18.10
N VAL B 446 -31.14 -3.61 17.98
CA VAL B 446 -30.61 -4.64 18.87
C VAL B 446 -29.11 -4.88 18.71
N ALA B 447 -28.66 -5.07 17.46
CA ALA B 447 -27.26 -5.33 17.16
C ALA B 447 -26.27 -4.22 17.58
N PRO B 448 -26.53 -2.95 17.18
CA PRO B 448 -25.65 -1.86 17.61
C PRO B 448 -25.55 -1.67 19.12
N LYS B 449 -26.62 -1.97 19.85
CA LYS B 449 -26.64 -1.87 21.31
C LYS B 449 -25.76 -2.96 21.94
N ILE B 450 -25.91 -4.20 21.46
CA ILE B 450 -25.10 -5.33 21.94
C ILE B 450 -23.62 -5.11 21.63
N LYS B 451 -23.34 -4.61 20.43
CA LYS B 451 -21.98 -4.28 20.00
C LYS B 451 -21.35 -3.21 20.91
N ALA B 452 -22.14 -2.20 21.27
CA ALA B 452 -21.71 -1.14 22.19
C ALA B 452 -21.31 -1.70 23.56
N LEU B 453 -22.09 -2.68 24.03
CA LEU B 453 -21.84 -3.32 25.31
C LEU B 453 -20.63 -4.26 25.25
N MET B 454 -20.45 -4.91 24.10
CA MET B 454 -19.26 -5.75 23.85
C MET B 454 -17.98 -4.94 23.97
N MET B 455 -17.96 -3.80 23.29
CA MET B 455 -16.79 -2.93 23.25
C MET B 455 -16.50 -2.31 24.61
N GLU B 456 -17.55 -2.01 25.37
CA GLU B 456 -17.42 -1.47 26.73
C GLU B 456 -16.78 -2.48 27.70
N SER B 457 -17.24 -3.73 27.63
CA SER B 457 -16.69 -4.80 28.45
C SER B 457 -15.34 -5.30 27.91
N GLY B 458 -15.14 -5.20 26.60
CA GLY B 458 -13.91 -5.62 25.93
C GLY B 458 -13.70 -7.13 25.87
N THR B 459 -14.77 -7.89 26.06
CA THR B 459 -14.70 -9.35 26.08
C THR B 459 -14.58 -9.96 24.69
N THR B 460 -15.24 -9.33 23.72
CA THR B 460 -15.27 -9.82 22.34
C THR B 460 -15.65 -8.69 21.39
N MET B 461 -15.47 -8.93 20.09
CA MET B 461 -15.91 -8.00 19.04
C MET B 461 -16.43 -8.80 17.84
N VAL B 462 -17.63 -8.43 17.36
CA VAL B 462 -18.19 -9.00 16.15
C VAL B 462 -18.91 -7.90 15.38
N GLY B 463 -18.82 -7.95 14.05
CA GLY B 463 -19.44 -6.96 13.19
C GLY B 463 -20.94 -7.14 13.02
N TYR B 464 -21.63 -6.03 12.81
CA TYR B 464 -23.05 -6.05 12.45
C TYR B 464 -23.28 -5.13 11.26
N GLN B 465 -24.29 -5.45 10.45
CA GLN B 465 -24.64 -4.63 9.29
C GLN B 465 -26.03 -4.97 8.77
N PRO B 466 -26.69 -4.00 8.10
CA PRO B 466 -27.92 -4.30 7.40
C PRO B 466 -27.61 -4.77 5.97
N GLN B 467 -28.64 -5.19 5.24
CA GLN B 467 -28.49 -5.56 3.84
C GLN B 467 -29.85 -5.55 3.18
N GLY B 468 -29.98 -4.76 2.11
CA GLY B 468 -31.26 -4.64 1.40
C GLY B 468 -32.32 -4.12 2.36
N ASP B 469 -33.38 -4.91 2.56
CA ASP B 469 -34.44 -4.52 3.50
C ASP B 469 -34.30 -5.17 4.88
N LYS B 470 -33.22 -5.94 5.06
CA LYS B 470 -32.93 -6.59 6.33
C LYS B 470 -32.41 -5.59 7.35
N ALA B 471 -32.90 -5.69 8.59
CA ALA B 471 -32.39 -4.91 9.71
C ALA B 471 -31.02 -5.43 10.14
N ASN B 472 -30.27 -4.59 10.87
CA ASN B 472 -28.94 -4.95 11.36
C ASN B 472 -28.88 -6.37 11.87
N PHE B 473 -27.92 -7.13 11.36
CA PHE B 473 -27.67 -8.47 11.87
C PHE B 473 -26.19 -8.70 12.10
N PHE B 474 -25.88 -9.63 13.00
CA PHE B 474 -24.50 -10.02 13.23
C PHE B 474 -23.98 -10.86 12.07
N ARG B 475 -22.79 -10.51 11.60
CA ARG B 475 -22.05 -11.34 10.68
C ARG B 475 -20.82 -11.88 11.40
N MET B 476 -20.95 -13.09 11.91
CA MET B 476 -19.84 -13.78 12.52
C MET B 476 -18.94 -14.29 11.39
N VAL B 477 -17.63 -14.31 11.65
CA VAL B 477 -16.63 -14.82 10.70
C VAL B 477 -15.46 -15.42 11.48
N ILE B 478 -14.82 -16.42 10.88
CA ILE B 478 -13.68 -17.09 11.51
C ILE B 478 -12.50 -17.22 10.54
N SER B 479 -11.37 -16.64 10.92
CA SER B 479 -10.14 -16.76 10.14
C SER B 479 -8.91 -16.90 11.03
N ASN B 480 -9.13 -16.83 12.34
CA ASN B 480 -8.06 -16.86 13.34
C ASN B 480 -7.82 -18.29 13.81
N PRO B 481 -6.62 -18.84 13.56
CA PRO B 481 -6.27 -20.18 14.06
C PRO B 481 -6.25 -20.27 15.60
N ALA B 482 -6.21 -19.10 16.27
CA ALA B 482 -6.26 -19.04 17.73
C ALA B 482 -7.67 -19.29 18.28
N ALA B 483 -8.69 -19.10 17.44
CA ALA B 483 -10.07 -19.29 17.85
C ALA B 483 -10.37 -20.77 18.03
N THR B 484 -10.99 -21.11 19.17
CA THR B 484 -11.35 -22.49 19.48
C THR B 484 -12.85 -22.64 19.64
N GLN B 485 -13.29 -23.88 19.83
CA GLN B 485 -14.69 -24.20 20.12
C GLN B 485 -15.24 -23.42 21.31
N SER B 486 -14.46 -23.37 22.40
CA SER B 486 -14.87 -22.67 23.61
C SER B 486 -15.00 -21.15 23.41
N ASP B 487 -14.20 -20.61 22.49
CA ASP B 487 -14.30 -19.21 22.09
C ASP B 487 -15.62 -18.93 21.37
N ILE B 488 -16.07 -19.90 20.59
CA ILE B 488 -17.38 -19.81 19.91
C ILE B 488 -18.49 -19.96 20.93
N ASP B 489 -18.34 -20.92 21.85
CA ASP B 489 -19.28 -21.12 22.95
C ASP B 489 -19.37 -19.84 23.78
N PHE B 490 -18.22 -19.24 24.07
CA PHE B 490 -18.18 -17.97 24.80
C PHE B 490 -18.99 -16.89 24.10
N LEU B 491 -18.75 -16.70 22.79
CA LEU B 491 -19.41 -15.62 22.04
C LEU B 491 -20.93 -15.74 22.06
N ILE B 492 -21.44 -16.94 21.78
CA ILE B 492 -22.87 -17.24 21.81
C ILE B 492 -23.47 -16.84 23.17
N GLU B 493 -22.81 -17.28 24.24
CA GLU B 493 -23.24 -16.96 25.60
C GLU B 493 -23.13 -15.47 25.93
N GLU B 494 -22.12 -14.82 25.37
CA GLU B 494 -21.91 -13.39 25.57
C GLU B 494 -23.00 -12.54 24.91
N ILE B 495 -23.36 -12.88 23.67
CA ILE B 495 -24.44 -12.19 22.94
C ILE B 495 -25.77 -12.32 23.69
N GLU B 496 -26.04 -13.53 24.19
CA GLU B 496 -27.26 -13.79 24.95
C GLU B 496 -27.30 -12.97 26.24
N ARG B 497 -26.19 -12.98 26.98
CA ARG B 497 -26.04 -12.21 28.22
C ARG B 497 -26.20 -10.70 27.98
N LEU B 498 -25.60 -10.21 26.91
CA LEU B 498 -25.69 -8.79 26.54
C LEU B 498 -27.06 -8.42 25.96
N GLY B 499 -27.75 -9.41 25.40
CA GLY B 499 -29.12 -9.21 24.90
C GLY B 499 -30.13 -9.07 26.02
N GLN B 500 -29.68 -9.37 27.24
CA GLN B 500 -30.48 -9.21 28.46
C GLN B 500 -30.05 -7.98 29.25
N ASP B 501 -29.43 -7.01 28.56
CA ASP B 501 -28.98 -5.78 29.19
C ASP B 501 -29.16 -4.59 28.25
N LEU B 502 -30.13 -4.71 27.33
CA LEU B 502 -30.40 -3.71 26.31
C LEU B 502 -30.86 -2.37 26.87
N HIS B 503 -31.30 -2.37 28.13
CA HIS B 503 -31.68 -1.15 28.85
C HIS B 503 -30.46 -0.41 29.43
N HIS B 504 -29.30 -0.67 28.83
CA HIS B 504 -28.00 -0.09 29.24
C HIS B 504 -27.53 -0.63 30.58
#